data_6QBL
#
_entry.id   6QBL
#
_entity_poly.entity_id   1
_entity_poly.type   'polypeptide(L)'
_entity_poly.pdbx_seq_one_letter_code
;(PCA)AQALLPIASYAGLTVSAPVFAALVTVYGAYALYRYNIRRRENSYQRIRSDHDSHSCANNRGWCRPTCFSHEYTDW
FNNDVCGSYRCCRPGR(AAR)
;
_entity_poly.pdbx_strand_id   A
#
# COMPACT_ATOMS: atom_id res chain seq x y z
N ALA A 2 6.30 2.38 -5.75
CA ALA A 2 6.53 3.47 -4.82
C ALA A 2 6.87 4.75 -5.56
N GLN A 3 5.99 5.13 -6.48
CA GLN A 3 6.19 6.26 -7.36
C GLN A 3 4.94 6.45 -8.21
N ALA A 4 4.41 7.67 -8.18
CA ALA A 4 3.19 8.02 -8.90
C ALA A 4 2.04 7.08 -8.51
N LEU A 5 1.57 7.22 -7.29
CA LEU A 5 0.53 6.34 -6.75
C LEU A 5 -0.83 6.97 -6.95
N LEU A 6 -1.79 6.54 -6.14
CA LEU A 6 -3.08 7.19 -6.05
C LEU A 6 -2.90 8.69 -5.77
N PRO A 7 -3.80 9.51 -6.30
CA PRO A 7 -3.81 10.95 -6.04
C PRO A 7 -3.85 11.29 -4.56
N ILE A 8 -3.32 12.46 -4.22
CA ILE A 8 -3.28 12.91 -2.84
C ILE A 8 -4.69 13.05 -2.24
N ALA A 9 -5.69 13.09 -3.09
CA ALA A 9 -7.07 13.15 -2.64
C ALA A 9 -7.53 11.78 -2.14
N SER A 10 -6.91 10.73 -2.67
CA SER A 10 -7.25 9.37 -2.26
C SER A 10 -6.79 9.10 -0.83
N TYR A 11 -5.84 9.90 -0.34
CA TYR A 11 -5.39 9.78 1.04
C TYR A 11 -5.79 11.00 1.84
N ALA A 12 -6.70 11.81 1.29
CA ALA A 12 -7.10 13.05 1.94
C ALA A 12 -7.68 12.80 3.33
N GLY A 13 -6.89 13.13 4.35
CA GLY A 13 -7.32 12.91 5.71
C GLY A 13 -7.08 11.49 6.18
N LEU A 14 -6.01 10.89 5.70
CA LEU A 14 -5.67 9.52 6.07
C LEU A 14 -4.23 9.43 6.57
N THR A 15 -3.89 8.25 7.06
CA THR A 15 -2.55 7.97 7.54
C THR A 15 -1.93 6.87 6.67
N VAL A 16 -1.05 7.26 5.77
CA VAL A 16 -0.50 6.34 4.79
C VAL A 16 0.78 5.69 5.31
N SER A 17 1.14 4.59 4.70
CA SER A 17 2.32 3.85 5.09
C SER A 17 3.58 4.50 4.56
N ALA A 18 4.74 4.19 5.12
CA ALA A 18 5.99 4.82 4.70
C ALA A 18 6.25 4.64 3.20
N PRO A 19 6.14 3.41 2.65
CA PRO A 19 6.30 3.16 1.21
C PRO A 19 5.51 4.14 0.34
N VAL A 20 4.26 4.38 0.71
CA VAL A 20 3.40 5.26 -0.05
C VAL A 20 3.66 6.71 0.32
N PHE A 21 3.95 6.95 1.59
CA PHE A 21 4.27 8.27 2.09
C PHE A 21 5.50 8.85 1.40
N ALA A 22 6.60 8.11 1.47
CA ALA A 22 7.87 8.55 0.88
C ALA A 22 7.74 8.71 -0.62
N ALA A 23 6.92 7.84 -1.23
CA ALA A 23 6.67 7.89 -2.65
C ALA A 23 5.83 9.10 -3.00
N LEU A 24 4.83 9.34 -2.17
CA LEU A 24 3.98 10.52 -2.30
C LEU A 24 4.81 11.78 -2.18
N VAL A 25 5.65 11.86 -1.17
CA VAL A 25 6.56 12.99 -1.02
C VAL A 25 7.45 13.13 -2.26
N THR A 26 7.69 12.01 -2.91
CA THR A 26 8.51 11.98 -4.11
C THR A 26 7.81 12.65 -5.31
N VAL A 27 6.48 12.55 -5.35
CA VAL A 27 5.72 13.09 -6.48
C VAL A 27 4.88 14.31 -6.07
N TYR A 28 4.18 14.19 -4.96
CA TYR A 28 3.30 15.25 -4.46
C TYR A 28 4.05 16.16 -3.48
N GLY A 29 5.02 15.58 -2.79
CA GLY A 29 5.81 16.33 -1.84
C GLY A 29 5.16 16.36 -0.47
N ALA A 30 5.94 16.70 0.54
CA ALA A 30 5.41 16.85 1.89
C ALA A 30 4.43 18.02 1.93
N TYR A 31 4.62 18.94 1.00
CA TYR A 31 3.76 20.09 0.82
C TYR A 31 2.32 19.65 0.53
N ALA A 32 2.13 18.85 -0.50
CA ALA A 32 0.81 18.37 -0.85
C ALA A 32 0.30 17.38 0.19
N LEU A 33 1.19 16.54 0.71
CA LEU A 33 0.81 15.57 1.72
C LEU A 33 0.36 16.25 3.01
N TYR A 34 0.98 17.37 3.33
CA TYR A 34 0.57 18.15 4.49
C TYR A 34 -0.78 18.80 4.20
N ARG A 35 -0.98 19.15 2.94
CA ARG A 35 -2.17 19.85 2.51
C ARG A 35 -3.40 18.96 2.64
N TYR A 36 -3.26 17.70 2.24
CA TYR A 36 -4.39 16.79 2.24
C TYR A 36 -4.44 15.96 3.51
N ASN A 37 -3.75 16.44 4.54
CA ASN A 37 -3.71 15.77 5.84
C ASN A 37 -3.30 14.31 5.67
N ILE A 38 -2.29 14.10 4.84
CA ILE A 38 -1.74 12.79 4.63
C ILE A 38 -0.58 12.56 5.58
N ARG A 39 -0.81 11.69 6.54
CA ARG A 39 0.17 11.42 7.58
C ARG A 39 0.87 10.10 7.30
N ARG A 40 1.91 9.81 8.07
CA ARG A 40 2.65 8.56 7.92
C ARG A 40 2.41 7.67 9.12
N ARG A 41 2.04 6.44 8.86
CA ARG A 41 1.71 5.51 9.94
C ARG A 41 2.68 4.34 10.00
N GLU A 42 2.39 3.40 10.90
CA GLU A 42 3.15 2.17 11.04
C GLU A 42 3.04 1.29 9.79
N ASN A 43 3.86 0.26 9.76
CA ASN A 43 3.88 -0.67 8.64
C ASN A 43 4.01 -2.10 9.14
N SER A 44 3.23 -2.44 10.16
CA SER A 44 3.33 -3.74 10.79
C SER A 44 2.53 -4.78 9.99
N TYR A 45 1.83 -4.32 8.97
CA TYR A 45 0.96 -5.19 8.18
C TYR A 45 0.91 -4.70 6.74
N GLN A 46 -0.03 -5.25 5.97
CA GLN A 46 -0.25 -4.83 4.59
C GLN A 46 -0.94 -3.47 4.57
N ARG A 47 -0.28 -2.47 4.04
CA ARG A 47 -0.84 -1.13 4.07
C ARG A 47 -0.68 -0.46 2.73
N ILE A 48 -1.68 -0.64 1.87
CA ILE A 48 -1.70 0.01 0.58
C ILE A 48 -3.11 0.49 0.28
N ARG A 49 -3.23 1.56 -0.49
CA ARG A 49 -4.53 2.11 -0.85
C ARG A 49 -5.10 1.38 -2.06
N SER A 50 -5.08 0.05 -2.00
CA SER A 50 -5.61 -0.80 -3.06
C SER A 50 -4.90 -0.53 -4.39
N ASP A 51 -5.53 -0.96 -5.49
CA ASP A 51 -5.03 -0.73 -6.83
C ASP A 51 -6.12 -0.94 -7.84
N HIS A 52 -6.33 -2.18 -8.22
CA HIS A 52 -7.31 -2.47 -9.24
C HIS A 52 -8.08 -3.74 -8.91
N ASP A 53 -7.45 -4.86 -9.16
CA ASP A 53 -8.05 -6.15 -8.86
C ASP A 53 -7.61 -6.60 -7.48
N SER A 54 -7.32 -5.62 -6.63
CA SER A 54 -6.88 -5.87 -5.29
C SER A 54 -8.02 -6.35 -4.40
N HIS A 55 -7.66 -7.14 -3.39
CA HIS A 55 -8.64 -7.71 -2.47
C HIS A 55 -7.92 -8.35 -1.30
N SER A 56 -8.69 -8.84 -0.35
CA SER A 56 -8.12 -9.49 0.81
C SER A 56 -7.74 -10.94 0.50
N CYS A 57 -6.66 -11.40 1.11
CA CYS A 57 -6.24 -12.79 1.01
C CYS A 57 -5.53 -13.19 2.30
N ALA A 58 -5.13 -14.46 2.38
CA ALA A 58 -4.46 -14.99 3.57
C ALA A 58 -5.31 -14.79 4.81
N ASN A 59 -6.62 -14.99 4.65
CA ASN A 59 -7.60 -14.77 5.72
C ASN A 59 -7.60 -13.30 6.13
N ASN A 60 -7.48 -12.43 5.12
CA ASN A 60 -7.32 -10.98 5.32
C ASN A 60 -6.15 -10.69 6.26
N ARG A 61 -5.09 -11.46 6.07
CA ARG A 61 -3.82 -11.17 6.73
C ARG A 61 -2.82 -10.75 5.67
N GLY A 62 -3.31 -10.59 4.45
CA GLY A 62 -2.53 -10.08 3.35
C GLY A 62 -3.41 -9.39 2.33
N TRP A 63 -2.96 -8.26 1.83
CA TRP A 63 -3.67 -7.58 0.75
C TRP A 63 -3.11 -7.98 -0.61
N CYS A 64 -4.01 -8.33 -1.53
CA CYS A 64 -3.63 -8.64 -2.90
C CYS A 64 -3.23 -7.38 -3.65
N ARG A 65 -1.96 -7.30 -4.00
CA ARG A 65 -1.43 -6.14 -4.71
C ARG A 65 -0.58 -6.62 -5.88
N PRO A 66 -0.56 -5.85 -6.98
CA PRO A 66 0.26 -6.17 -8.16
C PRO A 66 1.74 -6.11 -7.83
N THR A 67 2.06 -5.39 -6.76
CA THR A 67 3.42 -5.25 -6.28
C THR A 67 3.41 -5.10 -4.77
N CYS A 68 4.39 -5.67 -4.10
CA CYS A 68 4.45 -5.62 -2.64
C CYS A 68 5.51 -4.63 -2.19
N PHE A 69 5.20 -3.87 -1.14
CA PHE A 69 6.10 -2.86 -0.64
C PHE A 69 6.89 -3.37 0.56
N SER A 70 7.89 -2.60 0.99
CA SER A 70 8.76 -3.00 2.08
C SER A 70 8.03 -2.92 3.43
N HIS A 71 7.40 -4.04 3.78
CA HIS A 71 6.55 -4.18 4.97
C HIS A 71 5.62 -5.36 4.72
N GLU A 72 5.65 -5.82 3.49
CA GLU A 72 4.95 -7.02 3.07
C GLU A 72 5.80 -7.73 2.02
N TYR A 73 5.41 -8.93 1.66
CA TYR A 73 6.15 -9.71 0.68
C TYR A 73 5.20 -10.53 -0.17
N THR A 74 5.76 -11.14 -1.21
CA THR A 74 4.98 -11.96 -2.13
C THR A 74 4.74 -13.34 -1.54
N ASP A 75 3.59 -13.53 -0.92
CA ASP A 75 3.18 -14.86 -0.50
C ASP A 75 2.62 -15.60 -1.69
N TRP A 76 3.31 -16.64 -2.10
CA TRP A 76 2.97 -17.38 -3.31
C TRP A 76 1.80 -18.33 -3.11
N PHE A 77 1.51 -18.66 -1.86
CA PHE A 77 0.38 -19.52 -1.57
C PHE A 77 -0.93 -18.78 -1.83
N ASN A 78 -1.07 -17.64 -1.18
CA ASN A 78 -2.25 -16.82 -1.36
C ASN A 78 -2.17 -16.03 -2.65
N ASN A 79 -0.99 -16.01 -3.25
CA ASN A 79 -0.84 -15.48 -4.60
C ASN A 79 -1.77 -16.25 -5.54
N ASP A 80 -1.86 -17.54 -5.29
CA ASP A 80 -2.74 -18.42 -6.05
C ASP A 80 -4.21 -18.03 -5.84
N VAL A 81 -4.57 -17.71 -4.59
CA VAL A 81 -5.95 -17.30 -4.30
C VAL A 81 -6.24 -15.90 -4.84
N CYS A 82 -5.18 -15.13 -5.08
CA CYS A 82 -5.32 -13.79 -5.63
C CYS A 82 -5.56 -13.84 -7.14
N GLY A 83 -4.83 -14.71 -7.83
CA GLY A 83 -4.99 -14.84 -9.26
C GLY A 83 -3.85 -14.21 -10.02
N SER A 84 -3.97 -12.92 -10.32
CA SER A 84 -2.92 -12.21 -11.03
C SER A 84 -2.06 -11.43 -10.03
N TYR A 85 -2.69 -10.91 -8.99
CA TYR A 85 -1.98 -10.22 -7.93
C TYR A 85 -1.28 -11.20 -7.02
N ARG A 86 -0.28 -10.71 -6.32
CA ARG A 86 0.41 -11.50 -5.34
C ARG A 86 -0.08 -11.11 -3.95
N CYS A 87 -0.10 -12.06 -3.04
CA CYS A 87 -0.60 -11.79 -1.71
C CYS A 87 0.48 -11.12 -0.88
N CYS A 88 0.25 -9.87 -0.54
CA CYS A 88 1.22 -9.12 0.22
C CYS A 88 1.06 -9.38 1.71
N ARG A 89 1.77 -10.41 2.18
CA ARG A 89 1.78 -10.77 3.58
C ARG A 89 2.85 -9.97 4.31
N PRO A 90 2.52 -9.42 5.50
CA PRO A 90 3.43 -8.57 6.28
C PRO A 90 4.80 -9.19 6.50
N GLY A 91 5.83 -8.41 6.20
CA GLY A 91 7.19 -8.87 6.37
C GLY A 91 8.07 -8.44 5.21
N ARG A 92 8.99 -9.31 4.84
CA ARG A 92 9.88 -9.03 3.73
C ARG A 92 10.60 -10.30 3.28
N ALA A 2 6.58 2.73 -5.21
CA ALA A 2 6.89 4.11 -4.89
C ALA A 2 6.25 5.05 -5.90
N GLN A 3 7.05 5.91 -6.55
CA GLN A 3 6.55 6.91 -7.50
C GLN A 3 5.39 6.35 -8.34
N ALA A 4 4.29 7.10 -8.35
CA ALA A 4 3.03 6.71 -9.00
C ALA A 4 2.17 5.86 -8.05
N LEU A 5 1.76 6.49 -6.96
CA LEU A 5 0.86 5.87 -5.99
C LEU A 5 -0.58 6.21 -6.33
N LEU A 6 -1.47 5.98 -5.37
CA LEU A 6 -2.81 6.54 -5.42
C LEU A 6 -2.72 8.07 -5.38
N PRO A 7 -3.69 8.76 -5.97
CA PRO A 7 -3.80 10.22 -5.87
C PRO A 7 -3.82 10.72 -4.43
N ILE A 8 -3.35 11.96 -4.24
CA ILE A 8 -3.29 12.59 -2.92
C ILE A 8 -4.66 12.66 -2.26
N ALA A 9 -5.72 12.67 -3.07
CA ALA A 9 -7.07 12.72 -2.54
C ALA A 9 -7.46 11.38 -1.95
N SER A 10 -6.82 10.31 -2.42
CA SER A 10 -7.09 8.98 -1.91
C SER A 10 -6.50 8.78 -0.52
N TYR A 11 -5.65 9.72 -0.08
CA TYR A 11 -5.14 9.70 1.28
C TYR A 11 -5.59 10.95 2.04
N ALA A 12 -6.58 11.65 1.49
CA ALA A 12 -7.05 12.88 2.12
C ALA A 12 -7.52 12.64 3.55
N GLY A 13 -6.76 13.17 4.51
CA GLY A 13 -7.08 12.98 5.91
C GLY A 13 -6.76 11.59 6.38
N LEU A 14 -5.78 10.97 5.74
CA LEU A 14 -5.45 9.58 6.02
C LEU A 14 -3.98 9.43 6.34
N THR A 15 -3.66 8.33 6.99
CA THR A 15 -2.30 8.05 7.39
C THR A 15 -1.68 7.01 6.47
N VAL A 16 -0.60 7.39 5.79
CA VAL A 16 0.04 6.53 4.81
C VAL A 16 1.40 6.09 5.30
N SER A 17 1.84 4.95 4.79
CA SER A 17 3.09 4.35 5.21
C SER A 17 4.28 5.11 4.65
N ALA A 18 5.45 4.97 5.25
CA ALA A 18 6.63 5.70 4.81
C ALA A 18 6.89 5.55 3.30
N PRO A 19 6.88 4.31 2.74
CA PRO A 19 7.10 4.09 1.30
C PRO A 19 6.16 4.90 0.41
N VAL A 20 4.92 5.07 0.83
CA VAL A 20 3.95 5.84 0.08
C VAL A 20 4.06 7.32 0.43
N PHE A 21 4.31 7.60 1.70
CA PHE A 21 4.45 8.96 2.20
C PHE A 21 5.64 9.65 1.54
N ALA A 22 6.80 9.02 1.63
CA ALA A 22 8.02 9.58 1.09
C ALA A 22 7.95 9.70 -0.42
N ALA A 23 7.31 8.72 -1.06
CA ALA A 23 7.17 8.73 -2.51
C ALA A 23 6.17 9.80 -2.90
N LEU A 24 5.15 9.98 -2.08
CA LEU A 24 4.20 11.05 -2.24
C LEU A 24 4.89 12.40 -2.13
N VAL A 25 5.70 12.57 -1.09
CA VAL A 25 6.47 13.81 -0.93
C VAL A 25 7.43 13.99 -2.09
N THR A 26 7.86 12.88 -2.65
CA THR A 26 8.74 12.90 -3.82
C THR A 26 8.00 13.44 -5.04
N VAL A 27 6.71 13.16 -5.12
CA VAL A 27 5.91 13.49 -6.28
C VAL A 27 5.03 14.72 -6.01
N TYR A 28 4.18 14.59 -5.02
CA TYR A 28 3.22 15.63 -4.64
C TYR A 28 3.87 16.64 -3.69
N GLY A 29 4.86 16.18 -2.96
CA GLY A 29 5.56 17.04 -2.04
C GLY A 29 4.92 17.05 -0.68
N ALA A 30 5.65 17.54 0.31
CA ALA A 30 5.11 17.67 1.65
C ALA A 30 4.01 18.72 1.67
N TYR A 31 4.08 19.63 0.69
CA TYR A 31 3.10 20.68 0.52
C TYR A 31 1.73 20.10 0.20
N ALA A 32 1.67 19.30 -0.86
CA ALA A 32 0.43 18.68 -1.29
C ALA A 32 -0.08 17.68 -0.25
N LEU A 33 0.85 16.92 0.35
CA LEU A 33 0.47 15.97 1.37
C LEU A 33 -0.11 16.68 2.59
N TYR A 34 0.45 17.83 2.93
CA TYR A 34 -0.06 18.63 4.02
C TYR A 34 -1.41 19.21 3.64
N ARG A 35 -1.58 19.46 2.36
CA ARG A 35 -2.80 20.06 1.84
C ARG A 35 -3.98 19.14 1.99
N TYR A 36 -3.72 17.84 1.86
CA TYR A 36 -4.76 16.84 1.95
C TYR A 36 -4.76 16.14 3.30
N ASN A 37 -3.96 16.68 4.23
CA ASN A 37 -3.80 16.09 5.56
C ASN A 37 -3.37 14.64 5.46
N ILE A 38 -2.36 14.40 4.65
CA ILE A 38 -1.79 13.10 4.51
C ILE A 38 -0.66 12.93 5.51
N ARG A 39 -0.84 11.99 6.41
CA ARG A 39 0.07 11.81 7.52
C ARG A 39 0.80 10.48 7.38
N ARG A 40 1.82 10.29 8.19
CA ARG A 40 2.67 9.10 8.04
C ARG A 40 2.39 8.10 9.15
N ARG A 41 2.24 6.84 8.77
CA ARG A 41 1.89 5.78 9.70
C ARG A 41 2.97 4.71 9.79
N GLU A 42 2.73 3.75 10.66
CA GLU A 42 3.55 2.54 10.74
C GLU A 42 3.24 1.63 9.57
N ASN A 43 4.05 0.60 9.39
CA ASN A 43 3.88 -0.29 8.26
C ASN A 43 4.53 -1.64 8.47
N SER A 44 3.87 -2.48 9.25
CA SER A 44 4.34 -3.82 9.53
C SER A 44 3.38 -4.88 9.00
N TYR A 45 2.37 -4.45 8.23
CA TYR A 45 1.37 -5.37 7.71
C TYR A 45 0.69 -4.83 6.45
N GLN A 46 -0.45 -5.41 6.11
CA GLN A 46 -1.18 -5.11 4.88
C GLN A 46 -1.95 -3.79 4.92
N ARG A 47 -1.26 -2.73 5.16
CA ARG A 47 -1.89 -1.43 5.29
C ARG A 47 -1.98 -0.72 3.93
N ILE A 48 -2.37 -1.49 2.93
CA ILE A 48 -2.48 -1.01 1.56
C ILE A 48 -3.87 -0.44 1.30
N ARG A 49 -3.93 0.72 0.65
CA ARG A 49 -5.20 1.34 0.29
C ARG A 49 -5.62 0.95 -1.12
N SER A 50 -5.72 -0.36 -1.33
CA SER A 50 -6.16 -0.93 -2.59
C SER A 50 -5.27 -0.50 -3.78
N ASP A 51 -5.71 -0.85 -4.98
CA ASP A 51 -5.02 -0.49 -6.21
C ASP A 51 -5.98 -0.56 -7.38
N HIS A 52 -6.30 -1.77 -7.80
CA HIS A 52 -7.24 -1.97 -8.89
C HIS A 52 -7.98 -3.30 -8.72
N ASP A 53 -7.25 -4.39 -8.90
CA ASP A 53 -7.84 -5.73 -8.74
C ASP A 53 -7.56 -6.23 -7.34
N SER A 54 -7.29 -5.29 -6.45
CA SER A 54 -6.87 -5.60 -5.10
C SER A 54 -8.03 -6.13 -4.25
N HIS A 55 -7.70 -7.03 -3.34
CA HIS A 55 -8.69 -7.65 -2.46
C HIS A 55 -7.99 -8.33 -1.31
N SER A 56 -8.77 -8.92 -0.42
CA SER A 56 -8.23 -9.63 0.72
C SER A 56 -7.85 -11.07 0.36
N CYS A 57 -6.85 -11.59 1.06
CA CYS A 57 -6.44 -12.98 0.90
C CYS A 57 -5.75 -13.46 2.18
N ALA A 58 -5.31 -14.73 2.17
CA ALA A 58 -4.60 -15.31 3.31
C ALA A 58 -5.47 -15.30 4.55
N ASN A 59 -6.78 -15.47 4.36
CA ASN A 59 -7.77 -15.35 5.43
C ASN A 59 -7.68 -13.95 6.03
N ASN A 60 -7.59 -12.96 5.14
CA ASN A 60 -7.46 -11.55 5.48
C ASN A 60 -6.17 -11.28 6.25
N ARG A 61 -5.21 -12.19 6.16
CA ARG A 61 -3.90 -11.98 6.75
C ARG A 61 -2.95 -11.38 5.73
N GLY A 62 -3.46 -11.18 4.52
CA GLY A 62 -2.71 -10.52 3.49
C GLY A 62 -3.60 -9.76 2.53
N TRP A 63 -3.17 -8.58 2.13
CA TRP A 63 -3.85 -7.83 1.08
C TRP A 63 -3.25 -8.15 -0.29
N CYS A 64 -4.09 -8.29 -1.31
CA CYS A 64 -3.63 -8.57 -2.66
C CYS A 64 -3.28 -7.29 -3.41
N ARG A 65 -2.04 -7.22 -3.89
CA ARG A 65 -1.58 -6.09 -4.67
C ARG A 65 -0.78 -6.59 -5.87
N PRO A 66 -0.55 -5.77 -6.91
CA PRO A 66 0.27 -6.18 -8.04
C PRO A 66 1.75 -6.28 -7.66
N THR A 67 2.12 -5.53 -6.63
CA THR A 67 3.49 -5.52 -6.14
C THR A 67 3.49 -5.18 -4.65
N CYS A 68 4.43 -5.76 -3.91
CA CYS A 68 4.47 -5.64 -2.46
C CYS A 68 5.65 -4.77 -2.02
N PHE A 69 5.49 -4.13 -0.86
CA PHE A 69 6.55 -3.28 -0.32
C PHE A 69 7.32 -4.00 0.79
N SER A 70 8.49 -3.47 1.12
CA SER A 70 9.39 -4.09 2.10
C SER A 70 8.82 -4.05 3.52
N HIS A 71 8.03 -5.08 3.86
CA HIS A 71 7.28 -5.17 5.11
C HIS A 71 6.10 -6.11 4.86
N GLU A 72 5.95 -6.47 3.60
CA GLU A 72 5.04 -7.51 3.17
C GLU A 72 5.69 -8.27 2.02
N TYR A 73 5.50 -9.57 1.98
CA TYR A 73 6.18 -10.40 0.99
C TYR A 73 5.18 -11.05 0.05
N THR A 74 5.70 -11.65 -1.00
CA THR A 74 4.90 -12.37 -1.95
C THR A 74 4.54 -13.75 -1.43
N ASP A 75 3.33 -13.89 -0.90
CA ASP A 75 2.83 -15.20 -0.53
C ASP A 75 2.31 -15.89 -1.78
N TRP A 76 2.98 -16.98 -2.15
CA TRP A 76 2.68 -17.67 -3.40
C TRP A 76 1.47 -18.59 -3.25
N PHE A 77 1.12 -18.95 -2.03
CA PHE A 77 -0.05 -19.77 -1.78
C PHE A 77 -1.32 -18.98 -2.12
N ASN A 78 -1.43 -17.81 -1.54
CA ASN A 78 -2.57 -16.95 -1.78
C ASN A 78 -2.40 -16.19 -3.08
N ASN A 79 -1.21 -16.26 -3.66
CA ASN A 79 -0.98 -15.76 -5.00
C ASN A 79 -1.90 -16.51 -5.96
N ASP A 80 -2.14 -17.78 -5.63
CA ASP A 80 -3.06 -18.60 -6.40
C ASP A 80 -4.49 -18.10 -6.23
N VAL A 81 -4.88 -17.75 -5.00
CA VAL A 81 -6.24 -17.28 -4.74
C VAL A 81 -6.46 -15.88 -5.32
N CYS A 82 -5.37 -15.15 -5.51
CA CYS A 82 -5.45 -13.81 -6.10
C CYS A 82 -5.43 -13.91 -7.62
N GLY A 83 -4.80 -14.94 -8.14
CA GLY A 83 -4.76 -15.16 -9.57
C GLY A 83 -3.70 -14.30 -10.25
N SER A 84 -4.09 -13.09 -10.64
CA SER A 84 -3.17 -12.17 -11.28
C SER A 84 -2.24 -11.53 -10.25
N TYR A 85 -2.82 -11.07 -9.16
CA TYR A 85 -2.06 -10.41 -8.10
C TYR A 85 -1.34 -11.40 -7.23
N ARG A 86 -0.42 -10.89 -6.45
CA ARG A 86 0.28 -11.67 -5.45
C ARG A 86 -0.22 -11.26 -4.08
N CYS A 87 -0.20 -12.17 -3.13
CA CYS A 87 -0.72 -11.88 -1.81
C CYS A 87 0.36 -11.26 -0.94
N CYS A 88 0.13 -10.04 -0.51
CA CYS A 88 1.07 -9.32 0.31
C CYS A 88 0.88 -9.67 1.78
N ARG A 89 1.64 -10.66 2.23
CA ARG A 89 1.61 -11.08 3.63
C ARG A 89 2.69 -10.33 4.41
N PRO A 90 2.33 -9.81 5.61
CA PRO A 90 3.24 -9.03 6.45
C PRO A 90 4.56 -9.74 6.72
N GLY A 91 5.66 -9.08 6.38
CA GLY A 91 6.97 -9.67 6.58
C GLY A 91 7.90 -9.41 5.42
N ARG A 92 8.81 -10.35 5.18
CA ARG A 92 9.79 -10.22 4.12
C ARG A 92 10.59 -11.52 4.01
N ALA A 2 7.16 2.26 -5.22
CA ALA A 2 7.39 3.61 -4.67
C ALA A 2 7.74 4.60 -5.77
N GLN A 3 7.75 5.88 -5.42
CA GLN A 3 7.98 6.98 -6.37
C GLN A 3 7.05 6.84 -7.57
N ALA A 4 5.86 6.36 -7.27
CA ALA A 4 4.80 6.12 -8.25
C ALA A 4 3.63 5.42 -7.58
N LEU A 5 2.92 6.14 -6.74
CA LEU A 5 1.84 5.54 -5.95
C LEU A 5 0.49 5.97 -6.51
N LEU A 6 -0.56 5.71 -5.75
CA LEU A 6 -1.88 6.23 -6.01
C LEU A 6 -1.88 7.77 -5.87
N PRO A 7 -2.93 8.45 -6.34
CA PRO A 7 -3.03 9.90 -6.24
C PRO A 7 -3.21 10.36 -4.81
N ILE A 8 -2.86 11.61 -4.52
CA ILE A 8 -3.03 12.17 -3.19
C ILE A 8 -4.50 12.15 -2.74
N ALA A 9 -5.41 11.97 -3.69
CA ALA A 9 -6.83 11.88 -3.38
C ALA A 9 -7.16 10.51 -2.79
N SER A 10 -6.39 9.49 -3.16
CA SER A 10 -6.61 8.15 -2.62
C SER A 10 -6.38 8.14 -1.11
N TYR A 11 -5.48 9.01 -0.66
CA TYR A 11 -5.11 9.04 0.76
C TYR A 11 -5.69 10.27 1.43
N ALA A 12 -6.61 10.94 0.75
CA ALA A 12 -7.22 12.16 1.28
C ALA A 12 -7.90 11.91 2.63
N GLY A 13 -7.28 12.42 3.68
CA GLY A 13 -7.81 12.23 5.02
C GLY A 13 -7.48 10.85 5.57
N LEU A 14 -6.30 10.34 5.22
CA LEU A 14 -5.91 9.01 5.61
C LEU A 14 -4.46 8.96 6.08
N THR A 15 -4.10 7.86 6.70
CA THR A 15 -2.75 7.66 7.21
C THR A 15 -2.03 6.62 6.35
N VAL A 16 -0.98 7.02 5.66
CA VAL A 16 -0.28 6.15 4.75
C VAL A 16 1.03 5.66 5.33
N SER A 17 1.48 4.52 4.85
CA SER A 17 2.69 3.90 5.33
C SER A 17 3.91 4.73 4.94
N ALA A 18 4.95 4.73 5.78
CA ALA A 18 6.14 5.55 5.54
C ALA A 18 6.64 5.46 4.10
N PRO A 19 6.77 4.25 3.51
CA PRO A 19 7.21 4.08 2.11
C PRO A 19 6.37 4.89 1.13
N VAL A 20 5.06 4.89 1.31
CA VAL A 20 4.16 5.62 0.41
C VAL A 20 4.14 7.10 0.79
N PHE A 21 4.23 7.37 2.08
CA PHE A 21 4.28 8.74 2.59
C PHE A 21 5.50 9.48 2.06
N ALA A 22 6.67 8.91 2.31
CA ALA A 22 7.92 9.53 1.92
C ALA A 22 8.04 9.64 0.41
N ALA A 23 7.49 8.64 -0.29
CA ALA A 23 7.49 8.64 -1.73
C ALA A 23 6.51 9.69 -2.24
N LEU A 24 5.40 9.82 -1.54
CA LEU A 24 4.42 10.86 -1.81
C LEU A 24 5.06 12.23 -1.66
N VAL A 25 5.73 12.46 -0.54
CA VAL A 25 6.44 13.72 -0.32
C VAL A 25 7.49 13.93 -1.42
N THR A 26 7.96 12.83 -1.96
CA THR A 26 8.93 12.88 -3.05
C THR A 26 8.31 13.45 -4.34
N VAL A 27 7.05 13.12 -4.58
CA VAL A 27 6.37 13.57 -5.80
C VAL A 27 5.39 14.71 -5.50
N TYR A 28 4.45 14.46 -4.59
CA TYR A 28 3.42 15.41 -4.24
C TYR A 28 3.95 16.44 -3.25
N GLY A 29 4.91 16.03 -2.46
CA GLY A 29 5.49 16.91 -1.48
C GLY A 29 4.73 16.91 -0.18
N ALA A 30 5.36 17.38 0.88
CA ALA A 30 4.71 17.46 2.17
C ALA A 30 3.56 18.45 2.12
N TYR A 31 3.66 19.41 1.22
CA TYR A 31 2.63 20.41 1.00
C TYR A 31 1.34 19.77 0.51
N ALA A 32 1.42 18.96 -0.55
CA ALA A 32 0.25 18.30 -1.08
C ALA A 32 -0.29 17.27 -0.11
N LEU A 33 0.59 16.53 0.56
CA LEU A 33 0.16 15.56 1.55
C LEU A 33 -0.54 16.25 2.71
N TYR A 34 -0.06 17.43 3.05
CA TYR A 34 -0.66 18.23 4.11
C TYR A 34 -2.01 18.76 3.63
N ARG A 35 -2.09 19.00 2.33
CA ARG A 35 -3.29 19.56 1.73
C ARG A 35 -4.43 18.56 1.77
N TYR A 36 -4.10 17.30 1.52
CA TYR A 36 -5.10 16.25 1.48
C TYR A 36 -5.21 15.53 2.81
N ASN A 37 -4.60 16.13 3.83
CA ASN A 37 -4.62 15.59 5.19
C ASN A 37 -4.11 14.15 5.20
N ILE A 38 -3.02 13.93 4.51
CA ILE A 38 -2.39 12.63 4.45
C ILE A 38 -1.35 12.50 5.56
N ARG A 39 -1.57 11.53 6.43
CA ARG A 39 -0.70 11.32 7.58
C ARG A 39 0.24 10.15 7.34
N ARG A 40 1.20 9.96 8.22
CA ARG A 40 2.16 8.87 8.10
C ARG A 40 1.99 7.87 9.25
N ARG A 41 2.05 6.60 8.90
CA ARG A 41 1.97 5.54 9.89
C ARG A 41 3.05 4.50 9.67
N GLU A 42 3.02 3.47 10.51
CA GLU A 42 3.94 2.36 10.43
C GLU A 42 3.77 1.58 9.13
N ASN A 43 4.69 0.69 8.85
CA ASN A 43 4.61 -0.12 7.65
C ASN A 43 5.13 -1.53 7.91
N SER A 44 4.91 -1.98 9.12
CA SER A 44 5.35 -3.32 9.53
C SER A 44 4.48 -4.39 8.86
N TYR A 45 3.23 -4.02 8.57
CA TYR A 45 2.29 -4.91 7.92
C TYR A 45 1.96 -4.39 6.53
N GLN A 46 0.95 -4.99 5.90
CA GLN A 46 0.51 -4.57 4.58
C GLN A 46 -0.41 -3.34 4.70
N ARG A 47 0.06 -2.22 4.23
CA ARG A 47 -0.72 -1.00 4.29
C ARG A 47 -0.83 -0.39 2.90
N ILE A 48 -1.88 -0.74 2.19
CA ILE A 48 -2.05 -0.29 0.84
C ILE A 48 -3.39 0.43 0.69
N ARG A 49 -3.55 1.25 -0.33
CA ARG A 49 -4.78 1.99 -0.54
C ARG A 49 -5.52 1.44 -1.76
N SER A 50 -5.49 0.11 -1.89
CA SER A 50 -6.22 -0.61 -2.92
C SER A 50 -5.86 -0.21 -4.36
N ASP A 51 -5.38 -1.18 -5.11
CA ASP A 51 -5.14 -1.01 -6.53
C ASP A 51 -6.37 -1.48 -7.31
N HIS A 52 -6.31 -1.43 -8.63
CA HIS A 52 -7.49 -1.69 -9.47
C HIS A 52 -8.14 -3.06 -9.21
N ASP A 53 -7.34 -4.11 -8.99
CA ASP A 53 -7.91 -5.44 -8.73
C ASP A 53 -7.52 -5.94 -7.35
N SER A 54 -7.27 -5.02 -6.44
CA SER A 54 -6.79 -5.37 -5.12
C SER A 54 -7.93 -5.81 -4.21
N HIS A 55 -7.55 -6.56 -3.17
CA HIS A 55 -8.50 -7.03 -2.17
C HIS A 55 -7.75 -7.70 -1.03
N SER A 56 -8.49 -8.14 -0.03
CA SER A 56 -7.90 -8.81 1.13
C SER A 56 -7.65 -10.29 0.83
N CYS A 57 -6.59 -10.82 1.43
CA CYS A 57 -6.27 -12.24 1.32
C CYS A 57 -5.57 -12.72 2.59
N ALA A 58 -5.30 -14.03 2.65
CA ALA A 58 -4.62 -14.64 3.80
C ALA A 58 -5.43 -14.44 5.08
N ASN A 59 -6.75 -14.54 4.94
CA ASN A 59 -7.69 -14.24 6.03
C ASN A 59 -7.52 -12.79 6.48
N ASN A 60 -7.30 -11.93 5.49
CA ASN A 60 -7.01 -10.51 5.70
C ASN A 60 -5.80 -10.33 6.61
N ARG A 61 -4.77 -11.11 6.34
CA ARG A 61 -3.47 -10.91 6.96
C ARG A 61 -2.50 -10.40 5.91
N GLY A 62 -3.05 -10.15 4.73
CA GLY A 62 -2.28 -9.62 3.63
C GLY A 62 -3.18 -8.95 2.61
N TRP A 63 -2.65 -7.93 1.96
CA TRP A 63 -3.38 -7.25 0.90
C TRP A 63 -2.91 -7.71 -0.49
N CYS A 64 -3.86 -7.93 -1.39
CA CYS A 64 -3.54 -8.32 -2.76
C CYS A 64 -3.08 -7.14 -3.58
N ARG A 65 -1.83 -7.17 -4.03
CA ARG A 65 -1.26 -6.09 -4.83
C ARG A 65 -0.70 -6.63 -6.14
N PRO A 66 -0.39 -5.72 -7.08
CA PRO A 66 0.34 -6.08 -8.31
C PRO A 66 1.82 -6.22 -8.03
N THR A 67 2.29 -5.58 -6.96
CA THR A 67 3.69 -5.65 -6.54
C THR A 67 3.78 -5.42 -5.04
N CYS A 68 4.77 -6.01 -4.41
CA CYS A 68 4.89 -5.95 -2.95
C CYS A 68 6.00 -4.99 -2.52
N PHE A 69 5.75 -4.29 -1.42
CA PHE A 69 6.70 -3.35 -0.85
C PHE A 69 7.69 -4.07 0.06
N SER A 70 8.60 -3.32 0.65
CA SER A 70 9.66 -3.91 1.46
C SER A 70 9.25 -3.96 2.92
N HIS A 71 8.59 -5.07 3.27
CA HIS A 71 7.92 -5.25 4.57
C HIS A 71 6.79 -6.24 4.36
N GLU A 72 6.60 -6.59 3.09
CA GLU A 72 5.64 -7.61 2.69
C GLU A 72 6.26 -8.44 1.57
N TYR A 73 5.64 -9.55 1.24
CA TYR A 73 6.16 -10.42 0.21
C TYR A 73 5.04 -11.12 -0.54
N THR A 74 5.41 -11.80 -1.61
CA THR A 74 4.48 -12.55 -2.40
C THR A 74 4.14 -13.87 -1.74
N ASP A 75 3.03 -13.90 -1.03
CA ASP A 75 2.48 -15.15 -0.53
C ASP A 75 1.83 -15.87 -1.71
N TRP A 76 2.43 -17.00 -2.09
CA TRP A 76 2.01 -17.71 -3.28
C TRP A 76 0.77 -18.56 -3.04
N PHE A 77 0.53 -18.90 -1.78
CA PHE A 77 -0.68 -19.62 -1.39
C PHE A 77 -1.89 -18.72 -1.65
N ASN A 78 -1.86 -17.55 -1.03
CA ASN A 78 -2.94 -16.60 -1.20
C ASN A 78 -2.78 -15.82 -2.49
N ASN A 79 -1.79 -16.21 -3.28
CA ASN A 79 -1.60 -15.62 -4.59
C ASN A 79 -2.65 -16.19 -5.54
N ASP A 80 -2.94 -17.47 -5.40
CA ASP A 80 -3.93 -18.11 -6.26
C ASP A 80 -5.34 -17.72 -5.83
N VAL A 81 -5.52 -17.34 -4.56
CA VAL A 81 -6.84 -16.85 -4.12
C VAL A 81 -7.12 -15.48 -4.74
N CYS A 82 -6.05 -14.78 -5.11
CA CYS A 82 -6.19 -13.49 -5.77
C CYS A 82 -6.24 -13.65 -7.28
N GLY A 83 -5.49 -14.63 -7.78
CA GLY A 83 -5.49 -14.91 -9.20
C GLY A 83 -4.45 -14.13 -9.94
N SER A 84 -4.79 -12.91 -10.33
CA SER A 84 -3.87 -12.06 -11.07
C SER A 84 -2.91 -11.34 -10.12
N TYR A 85 -3.45 -10.83 -9.02
CA TYR A 85 -2.64 -10.16 -8.02
C TYR A 85 -1.92 -11.15 -7.12
N ARG A 86 -0.88 -10.67 -6.48
CA ARG A 86 -0.11 -11.47 -5.54
C ARG A 86 -0.46 -11.05 -4.12
N CYS A 87 -0.41 -11.97 -3.18
CA CYS A 87 -0.80 -11.65 -1.83
C CYS A 87 0.38 -11.11 -1.05
N CYS A 88 0.32 -9.84 -0.66
CA CYS A 88 1.41 -9.22 0.04
C CYS A 88 1.29 -9.44 1.55
N ARG A 89 2.01 -10.45 2.01
CA ARG A 89 2.05 -10.81 3.42
C ARG A 89 3.28 -10.22 4.08
N PRO A 90 3.14 -9.64 5.29
CA PRO A 90 4.22 -8.95 6.00
C PRO A 90 5.51 -9.76 6.10
N GLY A 91 6.60 -9.18 5.61
CA GLY A 91 7.89 -9.84 5.66
C GLY A 91 8.70 -9.66 4.40
N ARG A 92 9.34 -10.75 3.98
CA ARG A 92 10.10 -10.79 2.73
C ARG A 92 10.17 -12.22 2.22
N ALA A 2 7.12 0.80 -4.13
CA ALA A 2 6.76 2.21 -3.99
C ALA A 2 6.89 2.93 -5.35
N GLN A 3 6.90 4.27 -5.31
CA GLN A 3 7.02 5.11 -6.51
C GLN A 3 5.78 4.99 -7.39
N ALA A 4 5.14 6.13 -7.67
CA ALA A 4 3.94 6.19 -8.49
C ALA A 4 2.84 5.30 -7.90
N LEU A 5 2.18 5.81 -6.86
CA LEU A 5 1.13 5.06 -6.19
C LEU A 5 -0.23 5.65 -6.54
N LEU A 6 -1.22 5.33 -5.73
CA LEU A 6 -2.53 5.94 -5.82
C LEU A 6 -2.42 7.46 -5.78
N PRO A 7 -3.42 8.17 -6.30
CA PRO A 7 -3.44 9.63 -6.28
C PRO A 7 -3.58 10.16 -4.86
N ILE A 8 -3.12 11.38 -4.65
CA ILE A 8 -3.18 12.00 -3.32
C ILE A 8 -4.62 12.14 -2.84
N ALA A 9 -5.57 12.05 -3.75
CA ALA A 9 -6.97 12.10 -3.38
C ALA A 9 -7.41 10.77 -2.76
N SER A 10 -6.74 9.69 -3.16
CA SER A 10 -7.04 8.37 -2.64
C SER A 10 -6.72 8.27 -1.16
N TYR A 11 -5.78 9.10 -0.70
CA TYR A 11 -5.40 9.11 0.70
C TYR A 11 -5.89 10.38 1.39
N ALA A 12 -6.78 11.12 0.73
CA ALA A 12 -7.25 12.40 1.25
C ALA A 12 -7.82 12.26 2.66
N GLY A 13 -7.12 12.83 3.64
CA GLY A 13 -7.53 12.74 5.02
C GLY A 13 -7.43 11.33 5.56
N LEU A 14 -6.39 10.63 5.16
CA LEU A 14 -6.19 9.25 5.54
C LEU A 14 -4.75 9.01 5.98
N THR A 15 -4.55 7.98 6.78
CA THR A 15 -3.23 7.68 7.30
C THR A 15 -2.60 6.51 6.54
N VAL A 16 -1.52 6.80 5.84
CA VAL A 16 -0.83 5.80 5.02
C VAL A 16 0.45 5.36 5.69
N SER A 17 0.93 4.18 5.31
CA SER A 17 2.13 3.63 5.91
C SER A 17 3.37 4.39 5.44
N ALA A 18 4.45 4.33 6.20
CA ALA A 18 5.68 5.04 5.85
C ALA A 18 6.13 4.74 4.41
N PRO A 19 6.16 3.45 3.97
CA PRO A 19 6.53 3.08 2.59
C PRO A 19 5.77 3.87 1.53
N VAL A 20 4.46 4.03 1.74
CA VAL A 20 3.61 4.72 0.79
C VAL A 20 3.69 6.24 1.02
N PHE A 21 3.80 6.63 2.28
CA PHE A 21 3.94 8.02 2.67
C PHE A 21 5.18 8.64 2.04
N ALA A 22 6.32 8.02 2.29
CA ALA A 22 7.60 8.53 1.81
C ALA A 22 7.67 8.49 0.29
N ALA A 23 7.00 7.50 -0.30
CA ALA A 23 6.95 7.37 -1.74
C ALA A 23 6.06 8.45 -2.32
N LEU A 24 4.97 8.71 -1.62
CA LEU A 24 4.08 9.81 -1.93
C LEU A 24 4.83 11.13 -1.89
N VAL A 25 5.58 11.34 -0.83
CA VAL A 25 6.42 12.53 -0.71
C VAL A 25 7.44 12.58 -1.84
N THR A 26 7.80 11.43 -2.35
CA THR A 26 8.73 11.34 -3.46
C THR A 26 8.11 11.90 -4.75
N VAL A 27 6.83 11.63 -4.96
CA VAL A 27 6.16 12.04 -6.19
C VAL A 27 5.27 13.27 -5.96
N TYR A 28 4.40 13.18 -4.97
CA TYR A 28 3.45 14.23 -4.67
C TYR A 28 4.07 15.28 -3.76
N GLY A 29 5.04 14.84 -2.97
CA GLY A 29 5.73 15.73 -2.07
C GLY A 29 5.03 15.83 -0.74
N ALA A 30 5.77 16.27 0.26
CA ALA A 30 5.19 16.49 1.59
C ALA A 30 4.16 17.60 1.53
N TYR A 31 4.30 18.46 0.53
CA TYR A 31 3.36 19.54 0.31
C TYR A 31 1.99 19.01 -0.09
N ALA A 32 1.94 18.15 -1.10
CA ALA A 32 0.68 17.58 -1.56
C ALA A 32 0.06 16.72 -0.47
N LEU A 33 0.88 15.92 0.19
CA LEU A 33 0.40 15.06 1.26
C LEU A 33 -0.16 15.88 2.40
N TYR A 34 0.50 16.99 2.70
CA TYR A 34 0.03 17.91 3.73
C TYR A 34 -1.28 18.54 3.28
N ARG A 35 -1.37 18.78 1.98
CA ARG A 35 -2.53 19.44 1.40
C ARG A 35 -3.77 18.58 1.54
N TYR A 36 -3.62 17.30 1.25
CA TYR A 36 -4.73 16.38 1.27
C TYR A 36 -4.89 15.69 2.62
N ASN A 37 -4.22 16.24 3.63
CA ASN A 37 -4.26 15.70 5.00
C ASN A 37 -3.91 14.21 4.99
N ILE A 38 -2.89 13.87 4.23
CA ILE A 38 -2.43 12.50 4.17
C ILE A 38 -1.43 12.26 5.28
N ARG A 39 -1.80 11.39 6.19
CA ARG A 39 -1.03 11.17 7.39
C ARG A 39 -0.12 9.98 7.23
N ARG A 40 0.68 9.72 8.24
CA ARG A 40 1.62 8.60 8.22
C ARG A 40 1.41 7.70 9.43
N ARG A 41 1.43 6.39 9.19
CA ARG A 41 1.31 5.43 10.27
C ARG A 41 2.43 4.39 10.23
N GLU A 42 2.44 3.58 11.27
CA GLU A 42 3.51 2.63 11.52
C GLU A 42 3.21 1.24 11.00
N ASN A 43 4.12 0.33 11.38
CA ASN A 43 3.92 -1.08 11.28
C ASN A 43 4.17 -1.64 9.90
N SER A 44 4.83 -2.77 9.93
CA SER A 44 5.28 -3.50 8.75
C SER A 44 4.14 -4.08 7.93
N TYR A 45 3.06 -4.48 8.59
CA TYR A 45 2.00 -5.23 7.92
C TYR A 45 1.34 -4.41 6.82
N GLN A 46 0.49 -5.06 6.06
CA GLN A 46 -0.14 -4.46 4.90
C GLN A 46 -1.08 -3.33 5.31
N ARG A 47 -0.88 -2.17 4.69
CA ARG A 47 -1.74 -1.02 4.94
C ARG A 47 -1.78 -0.16 3.69
N ILE A 48 -2.03 -0.82 2.57
CA ILE A 48 -2.04 -0.18 1.27
C ILE A 48 -3.42 0.34 0.94
N ARG A 49 -3.49 1.49 0.29
CA ARG A 49 -4.77 2.10 -0.07
C ARG A 49 -5.32 1.50 -1.36
N SER A 50 -5.35 0.16 -1.40
CA SER A 50 -5.92 -0.58 -2.53
C SER A 50 -5.20 -0.24 -3.84
N ASP A 51 -5.89 -0.51 -4.93
CA ASP A 51 -5.40 -0.27 -6.28
C ASP A 51 -6.53 -0.58 -7.26
N HIS A 52 -6.21 -0.93 -8.50
CA HIS A 52 -7.25 -1.17 -9.50
C HIS A 52 -7.96 -2.51 -9.29
N ASP A 53 -7.26 -3.51 -8.77
CA ASP A 53 -7.88 -4.82 -8.48
C ASP A 53 -7.46 -5.33 -7.11
N SER A 54 -7.31 -4.43 -6.15
CA SER A 54 -6.80 -4.80 -4.84
C SER A 54 -7.91 -5.26 -3.90
N HIS A 55 -7.53 -6.14 -2.97
CA HIS A 55 -8.45 -6.70 -1.98
C HIS A 55 -7.66 -7.41 -0.89
N SER A 56 -8.36 -7.97 0.08
CA SER A 56 -7.71 -8.65 1.19
C SER A 56 -7.48 -10.13 0.89
N CYS A 57 -6.38 -10.66 1.40
CA CYS A 57 -6.04 -12.08 1.27
C CYS A 57 -5.24 -12.55 2.49
N ALA A 58 -4.85 -13.82 2.49
CA ALA A 58 -4.04 -14.39 3.56
C ALA A 58 -4.74 -14.27 4.91
N ASN A 59 -6.06 -14.47 4.90
CA ASN A 59 -6.90 -14.26 6.08
C ASN A 59 -6.77 -12.80 6.54
N ASN A 60 -6.77 -11.91 5.54
CA ASN A 60 -6.56 -10.47 5.74
C ASN A 60 -5.25 -10.20 6.48
N ARG A 61 -4.31 -11.12 6.37
CA ARG A 61 -2.98 -10.90 6.90
C ARG A 61 -2.06 -10.49 5.76
N GLY A 62 -2.69 -10.20 4.63
CA GLY A 62 -1.98 -9.70 3.47
C GLY A 62 -2.91 -8.96 2.54
N TRP A 63 -2.46 -7.82 2.05
CA TRP A 63 -3.22 -7.07 1.04
C TRP A 63 -2.81 -7.49 -0.37
N CYS A 64 -3.78 -7.64 -1.25
CA CYS A 64 -3.50 -7.94 -2.66
C CYS A 64 -3.11 -6.69 -3.40
N ARG A 65 -1.88 -6.63 -3.88
CA ARG A 65 -1.39 -5.48 -4.63
C ARG A 65 -0.59 -5.95 -5.84
N PRO A 66 -0.49 -5.11 -6.89
CA PRO A 66 0.26 -5.47 -8.10
C PRO A 66 1.76 -5.43 -7.86
N THR A 67 2.15 -4.78 -6.77
CA THR A 67 3.54 -4.69 -6.37
C THR A 67 3.60 -4.41 -4.88
N CYS A 68 4.55 -5.02 -4.21
CA CYS A 68 4.62 -4.98 -2.76
C CYS A 68 5.64 -3.94 -2.27
N PHE A 69 5.39 -3.40 -1.09
CA PHE A 69 6.27 -2.40 -0.50
C PHE A 69 7.30 -3.09 0.40
N SER A 70 8.32 -2.33 0.81
CA SER A 70 9.39 -2.88 1.64
C SER A 70 8.91 -2.99 3.08
N HIS A 71 8.30 -4.15 3.38
CA HIS A 71 7.63 -4.42 4.66
C HIS A 71 6.64 -5.56 4.42
N GLU A 72 6.50 -5.93 3.15
CA GLU A 72 5.70 -7.06 2.73
C GLU A 72 6.34 -7.72 1.51
N TYR A 73 5.94 -8.95 1.21
CA TYR A 73 6.53 -9.69 0.11
C TYR A 73 5.46 -10.39 -0.70
N THR A 74 5.89 -11.02 -1.79
CA THR A 74 5.00 -11.75 -2.67
C THR A 74 4.69 -13.13 -2.10
N ASP A 75 3.54 -13.28 -1.49
CA ASP A 75 3.08 -14.59 -1.07
C ASP A 75 2.39 -15.25 -2.26
N TRP A 76 2.99 -16.33 -2.75
CA TRP A 76 2.55 -16.99 -3.96
C TRP A 76 1.36 -17.90 -3.71
N PHE A 77 1.15 -18.30 -2.46
CA PHE A 77 0.01 -19.13 -2.10
C PHE A 77 -1.27 -18.31 -2.20
N ASN A 78 -1.28 -17.19 -1.50
CA ASN A 78 -2.43 -16.29 -1.55
C ASN A 78 -2.41 -15.48 -2.83
N ASN A 79 -1.34 -15.61 -3.60
CA ASN A 79 -1.29 -15.04 -4.94
C ASN A 79 -2.35 -15.73 -5.79
N ASP A 80 -2.56 -17.01 -5.52
CA ASP A 80 -3.59 -17.78 -6.20
C ASP A 80 -4.98 -17.27 -5.86
N VAL A 81 -5.20 -16.97 -4.57
CA VAL A 81 -6.52 -16.48 -4.13
C VAL A 81 -6.80 -15.08 -4.67
N CYS A 82 -5.75 -14.39 -5.10
CA CYS A 82 -5.89 -13.07 -5.69
C CYS A 82 -5.99 -13.13 -7.20
N GLY A 83 -5.28 -14.09 -7.79
CA GLY A 83 -5.34 -14.30 -9.22
C GLY A 83 -4.47 -13.32 -9.99
N SER A 84 -4.92 -12.07 -10.07
CA SER A 84 -4.19 -11.06 -10.82
C SER A 84 -3.08 -10.45 -9.97
N TYR A 85 -3.45 -10.00 -8.77
CA TYR A 85 -2.49 -9.43 -7.85
C TYR A 85 -1.77 -10.49 -7.06
N ARG A 86 -0.61 -10.12 -6.55
CA ARG A 86 0.13 -10.95 -5.62
C ARG A 86 -0.27 -10.59 -4.22
N CYS A 87 -0.22 -11.54 -3.31
CA CYS A 87 -0.59 -11.28 -1.94
C CYS A 87 0.58 -10.72 -1.18
N CYS A 88 0.46 -9.47 -0.75
CA CYS A 88 1.53 -8.82 -0.03
C CYS A 88 1.49 -9.17 1.45
N ARG A 89 2.26 -10.19 1.80
CA ARG A 89 2.37 -10.65 3.17
C ARG A 89 3.54 -9.96 3.86
N PRO A 90 3.32 -9.42 5.06
CA PRO A 90 4.32 -8.64 5.81
C PRO A 90 5.67 -9.35 5.92
N GLY A 91 6.72 -8.63 5.55
CA GLY A 91 8.05 -9.19 5.55
C GLY A 91 8.84 -8.75 4.33
N ARG A 92 9.68 -9.65 3.82
CA ARG A 92 10.42 -9.39 2.61
C ARG A 92 11.05 -10.67 2.07
N ALA A 2 7.75 1.94 -4.60
CA ALA A 2 7.68 3.18 -3.81
C ALA A 2 7.74 4.40 -4.73
N GLN A 3 6.85 4.42 -5.72
CA GLN A 3 6.79 5.49 -6.70
C GLN A 3 5.51 5.36 -7.51
N ALA A 4 4.80 6.48 -7.67
CA ALA A 4 3.53 6.51 -8.40
C ALA A 4 2.53 5.48 -7.83
N LEU A 5 2.03 5.76 -6.64
CA LEU A 5 1.11 4.85 -5.97
C LEU A 5 -0.32 5.33 -6.15
N LEU A 6 -1.20 4.86 -5.29
CA LEU A 6 -2.56 5.38 -5.21
C LEU A 6 -2.53 6.90 -5.12
N PRO A 7 -3.44 7.53 -5.86
CA PRO A 7 -3.68 8.97 -5.79
C PRO A 7 -3.81 9.46 -4.34
N ILE A 8 -3.44 10.72 -4.12
CA ILE A 8 -3.47 11.31 -2.77
C ILE A 8 -4.87 11.32 -2.19
N ALA A 9 -5.88 11.19 -3.03
CA ALA A 9 -7.26 11.13 -2.58
C ALA A 9 -7.55 9.78 -1.91
N SER A 10 -6.75 8.78 -2.25
CA SER A 10 -6.92 7.44 -1.71
C SER A 10 -6.45 7.41 -0.25
N TYR A 11 -5.61 8.38 0.11
CA TYR A 11 -5.14 8.47 1.49
C TYR A 11 -5.70 9.71 2.16
N ALA A 12 -6.69 10.34 1.52
CA ALA A 12 -7.27 11.58 2.05
C ALA A 12 -7.81 11.38 3.46
N GLY A 13 -7.16 12.02 4.42
CA GLY A 13 -7.56 11.91 5.81
C GLY A 13 -7.13 10.61 6.43
N LEU A 14 -6.02 10.07 5.95
CA LEU A 14 -5.55 8.76 6.40
C LEU A 14 -4.06 8.81 6.74
N THR A 15 -3.64 7.86 7.54
CA THR A 15 -2.24 7.74 7.92
C THR A 15 -1.61 6.59 7.12
N VAL A 16 -0.69 6.94 6.25
CA VAL A 16 -0.09 5.96 5.34
C VAL A 16 1.22 5.45 5.88
N SER A 17 1.62 4.30 5.38
CA SER A 17 2.82 3.64 5.86
C SER A 17 4.05 4.40 5.37
N ALA A 18 5.14 4.38 6.14
CA ALA A 18 6.35 5.11 5.76
C ALA A 18 6.77 4.83 4.31
N PRO A 19 6.79 3.55 3.86
CA PRO A 19 7.12 3.20 2.47
C PRO A 19 6.29 3.97 1.44
N VAL A 20 5.00 4.10 1.71
CA VAL A 20 4.09 4.77 0.79
C VAL A 20 4.13 6.27 1.01
N PHE A 21 4.35 6.66 2.26
CA PHE A 21 4.46 8.07 2.63
C PHE A 21 5.63 8.73 1.91
N ALA A 22 6.81 8.13 2.06
CA ALA A 22 8.02 8.65 1.45
C ALA A 22 7.91 8.60 -0.07
N ALA A 23 7.21 7.59 -0.57
CA ALA A 23 6.98 7.44 -1.98
C ALA A 23 6.02 8.51 -2.48
N LEU A 24 5.02 8.77 -1.66
CA LEU A 24 4.05 9.82 -1.92
C LEU A 24 4.70 11.17 -2.00
N VAL A 25 5.52 11.51 -1.01
CA VAL A 25 6.27 12.76 -1.04
C VAL A 25 7.17 12.81 -2.27
N THR A 26 7.53 11.64 -2.75
CA THR A 26 8.35 11.51 -3.94
C THR A 26 7.59 11.92 -5.20
N VAL A 27 6.30 11.63 -5.24
CA VAL A 27 5.48 11.92 -6.41
C VAL A 27 4.56 13.12 -6.16
N TYR A 28 3.80 13.06 -5.08
CA TYR A 28 2.82 14.08 -4.73
C TYR A 28 3.45 15.19 -3.93
N GLY A 29 4.53 14.86 -3.23
CA GLY A 29 5.23 15.83 -2.41
C GLY A 29 4.60 15.94 -1.04
N ALA A 30 5.29 16.63 -0.15
CA ALA A 30 4.77 16.86 1.19
C ALA A 30 3.58 17.80 1.13
N TYR A 31 3.58 18.65 0.10
CA TYR A 31 2.49 19.57 -0.17
C TYR A 31 1.17 18.83 -0.29
N ALA A 32 1.08 17.96 -1.28
CA ALA A 32 -0.14 17.19 -1.51
C ALA A 32 -0.53 16.40 -0.28
N LEU A 33 0.45 15.72 0.33
CA LEU A 33 0.19 14.89 1.48
C LEU A 33 -0.33 15.70 2.66
N TYR A 34 0.17 16.91 2.82
CA TYR A 34 -0.27 17.79 3.90
C TYR A 34 -1.68 18.30 3.59
N ARG A 35 -1.94 18.44 2.30
CA ARG A 35 -3.19 18.99 1.81
C ARG A 35 -4.33 18.00 1.98
N TYR A 36 -4.04 16.73 1.80
CA TYR A 36 -5.06 15.70 1.87
C TYR A 36 -5.06 15.02 3.23
N ASN A 37 -4.43 15.66 4.20
CA ASN A 37 -4.38 15.16 5.57
C ASN A 37 -3.83 13.74 5.59
N ILE A 38 -2.80 13.52 4.78
CA ILE A 38 -2.12 12.25 4.73
C ILE A 38 -0.96 12.23 5.72
N ARG A 39 -1.07 11.35 6.70
CA ARG A 39 -0.06 11.26 7.75
C ARG A 39 0.82 10.03 7.52
N ARG A 40 1.80 9.84 8.39
CA ARG A 40 2.72 8.71 8.28
C ARG A 40 2.61 7.81 9.50
N ARG A 41 2.51 6.52 9.25
CA ARG A 41 2.42 5.53 10.32
C ARG A 41 3.46 4.44 10.16
N GLU A 42 3.37 3.43 11.04
CA GLU A 42 4.25 2.28 11.00
C GLU A 42 4.06 1.48 9.71
N ASN A 43 4.91 0.49 9.52
CA ASN A 43 4.83 -0.34 8.33
C ASN A 43 4.91 -1.82 8.66
N SER A 44 4.27 -2.20 9.75
CA SER A 44 4.24 -3.57 10.18
C SER A 44 3.26 -4.40 9.35
N TYR A 45 2.52 -3.72 8.49
CA TYR A 45 1.46 -4.35 7.72
C TYR A 45 1.10 -3.52 6.48
N GLN A 46 0.08 -3.97 5.76
CA GLN A 46 -0.41 -3.30 4.56
C GLN A 46 -1.66 -2.49 4.87
N ARG A 47 -1.56 -1.17 4.77
CA ARG A 47 -2.71 -0.31 4.99
C ARG A 47 -3.23 0.23 3.69
N ILE A 48 -2.88 -0.43 2.61
CA ILE A 48 -3.26 0.02 1.28
C ILE A 48 -4.66 -0.48 0.97
N ARG A 49 -5.55 0.39 0.47
CA ARG A 49 -6.89 -0.05 0.13
C ARG A 49 -7.34 0.47 -1.22
N SER A 50 -6.56 0.16 -2.25
CA SER A 50 -6.91 0.44 -3.63
C SER A 50 -5.72 0.14 -4.52
N ASP A 51 -5.95 0.16 -5.84
CA ASP A 51 -4.90 -0.01 -6.84
C ASP A 51 -5.53 -0.15 -8.22
N HIS A 52 -6.10 -1.31 -8.46
CA HIS A 52 -6.72 -1.61 -9.74
C HIS A 52 -7.56 -2.86 -9.64
N ASP A 53 -6.88 -4.00 -9.53
CA ASP A 53 -7.54 -5.28 -9.33
C ASP A 53 -7.24 -5.77 -7.94
N SER A 54 -7.05 -4.80 -7.05
CA SER A 54 -6.62 -5.06 -5.69
C SER A 54 -7.75 -5.56 -4.83
N HIS A 55 -7.38 -6.26 -3.77
CA HIS A 55 -8.36 -6.78 -2.81
C HIS A 55 -7.65 -7.34 -1.59
N SER A 56 -8.43 -7.71 -0.60
CA SER A 56 -7.90 -8.23 0.64
C SER A 56 -7.70 -9.75 0.56
N CYS A 57 -6.56 -10.22 1.02
CA CYS A 57 -6.25 -11.64 1.04
C CYS A 57 -5.64 -12.03 2.38
N ALA A 58 -5.45 -13.34 2.59
CA ALA A 58 -4.86 -13.86 3.81
C ALA A 58 -5.69 -13.47 5.02
N ASN A 59 -7.02 -13.49 4.84
CA ASN A 59 -7.98 -13.07 5.86
C ASN A 59 -7.78 -11.59 6.16
N ASN A 60 -7.52 -10.83 5.09
CA ASN A 60 -7.26 -9.40 5.17
C ASN A 60 -6.12 -9.11 6.16
N ARG A 61 -5.08 -9.90 6.09
CA ARG A 61 -3.85 -9.61 6.82
C ARG A 61 -2.83 -9.03 5.87
N GLY A 62 -3.13 -9.12 4.59
CA GLY A 62 -2.30 -8.54 3.56
C GLY A 62 -3.14 -8.04 2.41
N TRP A 63 -2.67 -7.00 1.75
CA TRP A 63 -3.39 -6.44 0.61
C TRP A 63 -2.81 -6.97 -0.71
N CYS A 64 -3.70 -7.36 -1.62
CA CYS A 64 -3.29 -7.81 -2.95
C CYS A 64 -2.87 -6.64 -3.82
N ARG A 65 -1.61 -6.66 -4.25
CA ARG A 65 -1.05 -5.59 -5.07
C ARG A 65 -0.33 -6.17 -6.29
N PRO A 66 -0.04 -5.34 -7.30
CA PRO A 66 0.76 -5.76 -8.45
C PRO A 66 2.24 -5.81 -8.10
N THR A 67 2.63 -4.99 -7.12
CA THR A 67 4.00 -4.91 -6.67
C THR A 67 4.04 -4.70 -5.16
N CYS A 68 4.97 -5.37 -4.50
CA CYS A 68 5.07 -5.34 -3.05
C CYS A 68 6.20 -4.42 -2.57
N PHE A 69 5.90 -3.65 -1.53
CA PHE A 69 6.87 -2.73 -0.93
C PHE A 69 7.74 -3.45 0.09
N SER A 70 8.73 -2.75 0.58
CA SER A 70 9.65 -3.31 1.58
C SER A 70 9.04 -3.19 2.98
N HIS A 71 8.25 -4.21 3.33
CA HIS A 71 7.46 -4.27 4.56
C HIS A 71 6.33 -5.27 4.31
N GLU A 72 6.25 -5.68 3.05
CA GLU A 72 5.38 -6.75 2.61
C GLU A 72 6.17 -7.65 1.67
N TYR A 73 5.61 -8.80 1.33
CA TYR A 73 6.27 -9.71 0.42
C TYR A 73 5.24 -10.48 -0.40
N THR A 74 5.73 -11.15 -1.42
CA THR A 74 4.87 -11.93 -2.30
C THR A 74 4.51 -13.26 -1.67
N ASP A 75 3.33 -13.31 -1.07
CA ASP A 75 2.80 -14.57 -0.57
C ASP A 75 2.15 -15.31 -1.74
N TRP A 76 2.77 -16.42 -2.10
CA TRP A 76 2.36 -17.19 -3.28
C TRP A 76 1.12 -18.06 -3.00
N PHE A 77 0.82 -18.28 -1.74
CA PHE A 77 -0.38 -19.02 -1.36
C PHE A 77 -1.62 -18.20 -1.68
N ASN A 78 -1.66 -17.02 -1.10
CA ASN A 78 -2.77 -16.12 -1.32
C ASN A 78 -2.64 -15.44 -2.69
N ASN A 79 -1.49 -15.60 -3.32
CA ASN A 79 -1.30 -15.17 -4.70
C ASN A 79 -2.29 -15.93 -5.58
N ASP A 80 -2.51 -17.19 -5.24
CA ASP A 80 -3.48 -18.03 -5.95
C ASP A 80 -4.89 -17.48 -5.78
N VAL A 81 -5.21 -17.01 -4.56
CA VAL A 81 -6.54 -16.45 -4.31
C VAL A 81 -6.70 -15.08 -4.99
N CYS A 82 -5.57 -14.46 -5.29
CA CYS A 82 -5.57 -13.16 -5.97
C CYS A 82 -5.65 -13.34 -7.49
N GLY A 83 -5.06 -14.42 -7.99
CA GLY A 83 -5.10 -14.69 -9.41
C GLY A 83 -4.03 -13.93 -10.18
N SER A 84 -4.33 -12.69 -10.53
CA SER A 84 -3.39 -11.86 -11.27
C SER A 84 -2.38 -11.22 -10.31
N TYR A 85 -2.89 -10.64 -9.24
CA TYR A 85 -2.04 -9.97 -8.26
C TYR A 85 -1.33 -10.96 -7.36
N ARG A 86 -0.36 -10.45 -6.64
CA ARG A 86 0.35 -11.21 -5.64
C ARG A 86 -0.07 -10.71 -4.26
N CYS A 87 -0.17 -11.62 -3.31
CA CYS A 87 -0.62 -11.24 -1.99
C CYS A 87 0.53 -10.62 -1.23
N CYS A 88 0.45 -9.33 -1.00
CA CYS A 88 1.47 -8.63 -0.26
C CYS A 88 1.24 -8.79 1.23
N ARG A 89 1.89 -9.78 1.80
CA ARG A 89 1.78 -10.07 3.21
C ARG A 89 2.90 -9.39 3.98
N PRO A 90 2.59 -8.82 5.15
CA PRO A 90 3.54 -8.02 5.95
C PRO A 90 4.84 -8.76 6.26
N GLY A 91 5.95 -8.19 5.81
CA GLY A 91 7.24 -8.76 6.07
C GLY A 91 8.21 -8.53 4.92
N ARG A 92 9.07 -9.51 4.68
CA ARG A 92 10.02 -9.44 3.58
C ARG A 92 10.49 -10.84 3.21
N ALA A 2 6.30 1.60 -5.23
CA ALA A 2 6.69 2.86 -4.58
C ALA A 2 6.95 3.94 -5.64
N GLN A 3 6.50 5.16 -5.33
CA GLN A 3 6.57 6.30 -6.24
C GLN A 3 5.54 6.13 -7.34
N ALA A 4 4.82 7.22 -7.65
CA ALA A 4 3.71 7.18 -8.59
C ALA A 4 2.62 6.24 -8.09
N LEU A 5 2.00 6.62 -6.98
CA LEU A 5 0.97 5.81 -6.34
C LEU A 5 -0.40 6.36 -6.69
N LEU A 6 -1.38 6.06 -5.85
CA LEU A 6 -2.69 6.71 -5.91
C LEU A 6 -2.52 8.22 -5.78
N PRO A 7 -3.50 9.00 -6.25
CA PRO A 7 -3.47 10.46 -6.16
C PRO A 7 -3.58 10.92 -4.72
N ILE A 8 -3.09 12.12 -4.44
CA ILE A 8 -3.15 12.70 -3.09
C ILE A 8 -4.60 12.85 -2.61
N ALA A 9 -5.54 12.79 -3.55
CA ALA A 9 -6.95 12.85 -3.20
C ALA A 9 -7.42 11.51 -2.65
N SER A 10 -6.77 10.43 -3.09
CA SER A 10 -7.12 9.09 -2.63
C SER A 10 -6.78 8.92 -1.17
N TYR A 11 -5.87 9.73 -0.66
CA TYR A 11 -5.49 9.68 0.75
C TYR A 11 -5.96 10.94 1.48
N ALA A 12 -6.84 11.71 0.84
CA ALA A 12 -7.29 12.98 1.41
C ALA A 12 -7.91 12.78 2.80
N GLY A 13 -7.22 13.26 3.82
CA GLY A 13 -7.68 13.13 5.18
C GLY A 13 -7.49 11.74 5.72
N LEU A 14 -6.45 11.06 5.24
CA LEU A 14 -6.23 9.66 5.60
C LEU A 14 -4.81 9.42 6.06
N THR A 15 -4.59 8.25 6.62
CA THR A 15 -3.28 7.87 7.11
C THR A 15 -2.71 6.75 6.24
N VAL A 16 -1.59 7.02 5.60
CA VAL A 16 -0.99 6.08 4.66
C VAL A 16 0.26 5.43 5.25
N SER A 17 0.65 4.31 4.68
CA SER A 17 1.80 3.57 5.14
C SER A 17 3.09 4.30 4.75
N ALA A 18 4.16 4.12 5.51
CA ALA A 18 5.41 4.83 5.24
C ALA A 18 5.87 4.64 3.78
N PRO A 19 5.87 3.40 3.23
CA PRO A 19 6.22 3.16 1.82
C PRO A 19 5.48 4.08 0.85
N VAL A 20 4.19 4.30 1.08
CA VAL A 20 3.38 5.15 0.21
C VAL A 20 3.57 6.61 0.60
N PHE A 21 3.71 6.87 1.89
CA PHE A 21 3.91 8.21 2.41
C PHE A 21 5.21 8.81 1.87
N ALA A 22 6.31 8.11 2.09
CA ALA A 22 7.63 8.59 1.69
C ALA A 22 7.70 8.72 0.18
N ALA A 23 7.01 7.84 -0.52
CA ALA A 23 6.98 7.86 -1.96
C ALA A 23 6.10 9.01 -2.44
N LEU A 24 5.00 9.25 -1.72
CA LEU A 24 4.14 10.39 -1.96
C LEU A 24 4.92 11.69 -1.83
N VAL A 25 5.64 11.83 -0.73
CA VAL A 25 6.49 13.01 -0.55
C VAL A 25 7.51 13.13 -1.67
N THR A 26 7.84 11.99 -2.25
CA THR A 26 8.77 11.94 -3.36
C THR A 26 8.17 12.57 -4.62
N VAL A 27 6.87 12.34 -4.84
CA VAL A 27 6.20 12.82 -6.05
C VAL A 27 5.31 14.02 -5.77
N TYR A 28 4.47 13.92 -4.76
CA TYR A 28 3.53 14.97 -4.40
C TYR A 28 4.17 15.95 -3.43
N GLY A 29 5.13 15.45 -2.67
CA GLY A 29 5.82 16.28 -1.72
C GLY A 29 5.14 16.31 -0.38
N ALA A 30 5.86 16.75 0.65
CA ALA A 30 5.28 16.87 1.97
C ALA A 30 4.22 17.95 1.98
N TYR A 31 4.39 18.93 1.09
CA TYR A 31 3.43 20.01 0.94
C TYR A 31 2.08 19.47 0.51
N ALA A 32 2.04 18.70 -0.58
CA ALA A 32 0.78 18.16 -1.07
C ALA A 32 0.16 17.23 -0.04
N LEU A 33 0.98 16.39 0.58
CA LEU A 33 0.48 15.48 1.59
C LEU A 33 -0.07 16.23 2.80
N TYR A 34 0.60 17.29 3.20
CA TYR A 34 0.13 18.12 4.29
C TYR A 34 -1.15 18.83 3.88
N ARG A 35 -1.23 19.16 2.60
CA ARG A 35 -2.36 19.88 2.06
C ARG A 35 -3.63 19.04 2.13
N TYR A 36 -3.51 17.79 1.73
CA TYR A 36 -4.66 16.90 1.68
C TYR A 36 -4.87 16.18 2.99
N ASN A 37 -4.11 16.60 4.00
CA ASN A 37 -4.18 16.02 5.34
C ASN A 37 -3.86 14.53 5.29
N ILE A 38 -2.80 14.22 4.58
CA ILE A 38 -2.33 12.85 4.48
C ILE A 38 -1.29 12.59 5.57
N ARG A 39 -1.55 11.59 6.39
CA ARG A 39 -0.69 11.28 7.53
C ARG A 39 0.08 10.00 7.29
N ARG A 40 1.07 9.74 8.14
CA ARG A 40 1.87 8.53 8.03
C ARG A 40 1.59 7.62 9.21
N ARG A 41 1.39 6.35 8.92
CA ARG A 41 1.08 5.37 9.94
C ARG A 41 2.08 4.23 9.97
N GLU A 42 1.95 3.36 10.96
CA GLU A 42 2.72 2.13 11.01
C GLU A 42 2.31 1.22 9.86
N ASN A 43 3.25 0.43 9.39
CA ASN A 43 2.99 -0.45 8.26
C ASN A 43 3.64 -1.80 8.45
N SER A 44 3.61 -2.26 9.69
CA SER A 44 4.11 -3.57 10.03
C SER A 44 3.21 -4.63 9.41
N TYR A 45 1.96 -4.25 9.20
CA TYR A 45 1.01 -5.05 8.46
C TYR A 45 0.63 -4.30 7.19
N GLN A 46 -0.19 -4.92 6.35
CA GLN A 46 -0.53 -4.34 5.07
C GLN A 46 -1.72 -3.40 5.16
N ARG A 47 -1.40 -2.15 5.37
CA ARG A 47 -2.40 -1.09 5.35
C ARG A 47 -2.26 -0.30 4.06
N ILE A 48 -2.57 -0.97 2.96
CA ILE A 48 -2.45 -0.37 1.64
C ILE A 48 -3.77 0.28 1.24
N ARG A 49 -3.68 1.34 0.44
CA ARG A 49 -4.85 2.12 0.05
C ARG A 49 -5.46 1.57 -1.25
N SER A 50 -5.37 0.25 -1.40
CA SER A 50 -5.91 -0.45 -2.56
C SER A 50 -5.40 0.15 -3.88
N ASP A 51 -5.98 -0.29 -4.99
CA ASP A 51 -5.68 0.25 -6.31
C ASP A 51 -6.66 -0.23 -7.34
N HIS A 52 -6.37 -1.35 -7.97
CA HIS A 52 -7.24 -1.84 -9.01
C HIS A 52 -7.89 -3.17 -8.64
N ASP A 53 -7.12 -4.25 -8.74
CA ASP A 53 -7.65 -5.58 -8.46
C ASP A 53 -7.25 -6.01 -7.07
N SER A 54 -6.77 -5.05 -6.29
CA SER A 54 -6.27 -5.32 -4.95
C SER A 54 -7.39 -5.61 -3.97
N HIS A 55 -7.08 -6.42 -2.98
CA HIS A 55 -8.05 -6.88 -1.98
C HIS A 55 -7.33 -7.56 -0.84
N SER A 56 -8.10 -7.96 0.16
CA SER A 56 -7.53 -8.63 1.32
C SER A 56 -7.48 -10.14 1.08
N CYS A 57 -6.34 -10.72 1.39
CA CYS A 57 -6.17 -12.16 1.28
C CYS A 57 -5.43 -12.67 2.50
N ALA A 58 -5.24 -13.98 2.58
CA ALA A 58 -4.45 -14.58 3.65
C ALA A 58 -5.09 -14.34 5.01
N ASN A 59 -6.43 -14.35 5.02
CA ASN A 59 -7.21 -13.98 6.22
C ASN A 59 -6.83 -12.57 6.65
N ASN A 60 -6.76 -11.67 5.67
CA ASN A 60 -6.40 -10.26 5.87
C ASN A 60 -5.01 -10.13 6.50
N ARG A 61 -4.20 -11.17 6.37
CA ARG A 61 -2.81 -11.12 6.84
C ARG A 61 -1.90 -10.79 5.67
N GLY A 62 -2.49 -10.19 4.65
CA GLY A 62 -1.72 -9.73 3.51
C GLY A 62 -2.62 -9.07 2.49
N TRP A 63 -2.24 -7.89 2.05
CA TRP A 63 -3.00 -7.20 1.02
C TRP A 63 -2.51 -7.57 -0.37
N CYS A 64 -3.43 -7.97 -1.24
CA CYS A 64 -3.13 -8.31 -2.62
C CYS A 64 -2.69 -7.08 -3.40
N ARG A 65 -1.53 -7.18 -4.04
CA ARG A 65 -1.01 -6.10 -4.85
C ARG A 65 -0.47 -6.63 -6.17
N PRO A 66 -0.20 -5.76 -7.15
CA PRO A 66 0.48 -6.14 -8.37
C PRO A 66 1.98 -6.34 -8.11
N THR A 67 2.49 -5.56 -7.16
CA THR A 67 3.87 -5.68 -6.72
C THR A 67 3.99 -5.26 -5.26
N CYS A 68 4.88 -5.90 -4.54
CA CYS A 68 4.97 -5.77 -3.09
C CYS A 68 5.99 -4.71 -2.68
N PHE A 69 5.62 -3.94 -1.66
CA PHE A 69 6.48 -2.90 -1.10
C PHE A 69 7.49 -3.52 -0.10
N SER A 70 8.38 -2.68 0.41
CA SER A 70 9.37 -3.13 1.39
C SER A 70 8.74 -3.20 2.78
N HIS A 71 8.21 -4.39 3.11
CA HIS A 71 7.45 -4.65 4.35
C HIS A 71 6.44 -5.76 4.02
N GLU A 72 6.48 -6.20 2.77
CA GLU A 72 5.68 -7.32 2.31
C GLU A 72 6.46 -8.14 1.30
N TYR A 73 5.93 -9.30 0.97
CA TYR A 73 6.52 -10.16 -0.01
C TYR A 73 5.44 -10.90 -0.78
N THR A 74 5.86 -11.72 -1.72
CA THR A 74 4.96 -12.39 -2.62
C THR A 74 4.60 -13.75 -2.07
N ASP A 75 3.53 -13.81 -1.31
CA ASP A 75 3.05 -15.07 -0.83
C ASP A 75 2.33 -15.80 -1.96
N TRP A 76 2.93 -16.89 -2.40
CA TRP A 76 2.45 -17.63 -3.55
C TRP A 76 1.26 -18.52 -3.22
N PHE A 77 1.00 -18.73 -1.94
CA PHE A 77 -0.16 -19.52 -1.51
C PHE A 77 -1.42 -18.68 -1.68
N ASN A 78 -1.41 -17.52 -1.04
CA ASN A 78 -2.54 -16.62 -1.13
C ASN A 78 -2.48 -15.86 -2.45
N ASN A 79 -1.40 -16.05 -3.20
CA ASN A 79 -1.32 -15.57 -4.57
C ASN A 79 -2.36 -16.32 -5.40
N ASP A 80 -2.53 -17.60 -5.07
CA ASP A 80 -3.52 -18.44 -5.73
C ASP A 80 -4.93 -17.89 -5.53
N VAL A 81 -5.24 -17.45 -4.30
CA VAL A 81 -6.58 -16.92 -4.03
C VAL A 81 -6.82 -15.60 -4.76
N CYS A 82 -5.75 -14.93 -5.15
CA CYS A 82 -5.85 -13.67 -5.86
C CYS A 82 -5.89 -13.88 -7.37
N GLY A 83 -5.17 -14.90 -7.84
CA GLY A 83 -5.14 -15.20 -9.26
C GLY A 83 -4.20 -14.28 -10.02
N SER A 84 -4.68 -13.09 -10.34
CA SER A 84 -3.88 -12.11 -11.06
C SER A 84 -2.85 -11.47 -10.14
N TYR A 85 -3.32 -10.95 -9.02
CA TYR A 85 -2.46 -10.28 -8.07
C TYR A 85 -1.71 -11.26 -7.19
N ARG A 86 -0.68 -10.77 -6.55
CA ARG A 86 0.09 -11.56 -5.61
C ARG A 86 -0.27 -11.13 -4.20
N CYS A 87 -0.22 -12.05 -3.26
CA CYS A 87 -0.58 -11.71 -1.90
C CYS A 87 0.62 -11.13 -1.18
N CYS A 88 0.59 -9.85 -0.93
CA CYS A 88 1.70 -9.18 -0.29
C CYS A 88 1.62 -9.36 1.23
N ARG A 89 2.24 -10.44 1.67
CA ARG A 89 2.28 -10.83 3.06
C ARG A 89 3.34 -10.00 3.78
N PRO A 90 3.09 -9.57 5.02
CA PRO A 90 4.03 -8.71 5.78
C PRO A 90 5.39 -9.36 5.96
N GLY A 91 6.43 -8.71 5.45
CA GLY A 91 7.78 -9.23 5.58
C GLY A 91 8.65 -8.87 4.39
N ARG A 92 9.46 -9.84 3.95
CA ARG A 92 10.35 -9.63 2.82
C ARG A 92 11.04 -10.94 2.43
N ALA A 2 8.02 1.56 -3.12
CA ALA A 2 8.00 3.02 -3.14
C ALA A 2 8.28 3.60 -4.53
N GLN A 3 7.89 4.88 -4.69
CA GLN A 3 7.99 5.62 -5.93
C GLN A 3 6.90 5.21 -6.91
N ALA A 4 6.18 6.20 -7.44
CA ALA A 4 5.04 5.98 -8.34
C ALA A 4 3.99 5.07 -7.70
N LEU A 5 3.28 5.61 -6.72
CA LEU A 5 2.27 4.85 -6.00
C LEU A 5 0.87 5.27 -6.43
N LEU A 6 -0.12 4.91 -5.64
CA LEU A 6 -1.48 5.40 -5.82
C LEU A 6 -1.49 6.93 -5.80
N PRO A 7 -2.42 7.52 -6.52
CA PRO A 7 -2.62 8.96 -6.52
C PRO A 7 -2.92 9.50 -5.14
N ILE A 8 -2.55 10.75 -4.91
CA ILE A 8 -2.76 11.40 -3.62
C ILE A 8 -4.22 11.43 -3.21
N ALA A 9 -5.12 11.35 -4.18
CA ALA A 9 -6.54 11.34 -3.90
C ALA A 9 -6.96 9.98 -3.35
N SER A 10 -6.16 8.96 -3.64
CA SER A 10 -6.43 7.62 -3.14
C SER A 10 -6.09 7.50 -1.66
N TYR A 11 -5.35 8.49 -1.15
CA TYR A 11 -5.06 8.54 0.29
C TYR A 11 -5.70 9.78 0.90
N ALA A 12 -6.63 10.40 0.18
CA ALA A 12 -7.26 11.63 0.65
C ALA A 12 -7.93 11.43 2.02
N GLY A 13 -7.35 12.07 3.03
CA GLY A 13 -7.85 11.94 4.38
C GLY A 13 -7.61 10.56 4.96
N LEU A 14 -6.48 9.98 4.61
CA LEU A 14 -6.18 8.60 4.98
C LEU A 14 -4.77 8.49 5.53
N THR A 15 -4.52 7.43 6.27
CA THR A 15 -3.22 7.21 6.89
C THR A 15 -2.45 6.14 6.13
N VAL A 16 -1.28 6.52 5.63
CA VAL A 16 -0.44 5.62 4.84
C VAL A 16 0.85 5.32 5.57
N SER A 17 1.47 4.21 5.24
CA SER A 17 2.70 3.79 5.91
C SER A 17 3.86 4.67 5.48
N ALA A 18 4.96 4.62 6.21
CA ALA A 18 6.14 5.40 5.87
C ALA A 18 6.62 5.12 4.43
N PRO A 19 6.74 3.85 4.01
CA PRO A 19 7.15 3.50 2.63
C PRO A 19 6.35 4.23 1.55
N VAL A 20 5.04 4.35 1.76
CA VAL A 20 4.17 5.02 0.81
C VAL A 20 4.18 6.53 1.05
N PHE A 21 4.21 6.91 2.32
CA PHE A 21 4.22 8.31 2.72
C PHE A 21 5.47 9.02 2.22
N ALA A 22 6.64 8.48 2.59
CA ALA A 22 7.92 9.08 2.24
C ALA A 22 8.09 9.11 0.73
N ALA A 23 7.57 8.09 0.06
CA ALA A 23 7.64 8.02 -1.38
C ALA A 23 6.70 9.03 -1.99
N LEU A 24 5.53 9.15 -1.38
CA LEU A 24 4.55 10.15 -1.76
C LEU A 24 5.16 11.55 -1.67
N VAL A 25 5.80 11.85 -0.55
CA VAL A 25 6.49 13.12 -0.39
C VAL A 25 7.58 13.28 -1.44
N THR A 26 8.09 12.17 -1.92
CA THR A 26 9.12 12.16 -2.94
C THR A 26 8.55 12.62 -4.29
N VAL A 27 7.32 12.22 -4.58
CA VAL A 27 6.70 12.54 -5.86
C VAL A 27 5.68 13.67 -5.72
N TYR A 28 4.75 13.50 -4.81
CA TYR A 28 3.68 14.46 -4.59
C TYR A 28 4.14 15.57 -3.65
N GLY A 29 5.08 15.23 -2.78
CA GLY A 29 5.60 16.20 -1.85
C GLY A 29 4.79 16.24 -0.58
N ALA A 30 5.34 16.86 0.45
CA ALA A 30 4.63 17.02 1.70
C ALA A 30 3.48 17.98 1.51
N TYR A 31 3.64 18.87 0.54
CA TYR A 31 2.63 19.86 0.19
C TYR A 31 1.36 19.16 -0.31
N ALA A 32 1.49 18.28 -1.31
CA ALA A 32 0.35 17.58 -1.85
C ALA A 32 -0.25 16.64 -0.81
N LEU A 33 0.60 15.96 -0.05
CA LEU A 33 0.12 15.08 1.00
C LEU A 33 -0.62 15.87 2.08
N TYR A 34 -0.17 17.08 2.31
CA TYR A 34 -0.83 17.98 3.24
C TYR A 34 -2.15 18.46 2.64
N ARG A 35 -2.14 18.61 1.32
CA ARG A 35 -3.31 19.09 0.59
C ARG A 35 -4.45 18.10 0.66
N TYR A 36 -4.11 16.83 0.65
CA TYR A 36 -5.12 15.77 0.64
C TYR A 36 -5.30 15.15 2.02
N ASN A 37 -4.73 15.79 3.02
CA ASN A 37 -4.82 15.33 4.41
C ASN A 37 -4.34 13.88 4.51
N ILE A 38 -3.21 13.62 3.90
CA ILE A 38 -2.61 12.30 3.95
C ILE A 38 -1.72 12.18 5.18
N ARG A 39 -1.96 11.13 5.94
CA ARG A 39 -1.29 10.94 7.22
C ARG A 39 -0.28 9.81 7.12
N ARG A 40 0.65 9.77 8.07
CA ARG A 40 1.62 8.70 8.11
C ARG A 40 1.37 7.80 9.31
N ARG A 41 1.36 6.51 9.07
CA ARG A 41 1.07 5.53 10.11
C ARG A 41 2.20 4.52 10.23
N GLU A 42 2.15 3.75 11.31
CA GLU A 42 2.99 2.57 11.43
C GLU A 42 2.32 1.42 10.70
N ASN A 43 3.12 0.60 10.04
CA ASN A 43 2.56 -0.48 9.25
C ASN A 43 3.63 -1.51 8.91
N SER A 44 3.99 -2.32 9.88
CA SER A 44 4.88 -3.44 9.67
C SER A 44 4.12 -4.56 8.98
N TYR A 45 2.80 -4.51 9.11
CA TYR A 45 1.91 -5.43 8.44
C TYR A 45 1.37 -4.80 7.16
N GLN A 46 0.29 -5.34 6.64
CA GLN A 46 -0.31 -4.83 5.42
C GLN A 46 -1.47 -3.88 5.73
N ARG A 47 -1.39 -2.67 5.23
CA ARG A 47 -2.50 -1.72 5.35
C ARG A 47 -2.30 -0.56 4.38
N ILE A 48 -2.21 -0.89 3.11
CA ILE A 48 -2.02 0.12 2.07
C ILE A 48 -3.35 0.41 1.38
N ARG A 49 -3.69 1.68 1.24
CA ARG A 49 -4.90 2.07 0.53
C ARG A 49 -4.71 1.93 -0.96
N SER A 50 -4.82 0.70 -1.43
CA SER A 50 -4.67 0.40 -2.84
C SER A 50 -5.99 0.54 -3.59
N ASP A 51 -6.04 0.00 -4.80
CA ASP A 51 -7.20 0.16 -5.67
C ASP A 51 -8.37 -0.74 -5.27
N HIS A 52 -9.23 -1.05 -6.23
CA HIS A 52 -10.45 -1.78 -5.98
C HIS A 52 -10.25 -3.28 -6.06
N ASP A 53 -9.35 -3.72 -6.95
CA ASP A 53 -9.08 -5.15 -7.09
C ASP A 53 -8.35 -5.68 -5.86
N SER A 54 -7.94 -4.75 -5.02
CA SER A 54 -7.30 -5.06 -3.77
C SER A 54 -8.27 -5.69 -2.79
N HIS A 55 -7.72 -6.46 -1.86
CA HIS A 55 -8.53 -7.15 -0.86
C HIS A 55 -7.64 -7.88 0.13
N SER A 56 -8.25 -8.36 1.19
CA SER A 56 -7.54 -9.09 2.23
C SER A 56 -7.42 -10.57 1.89
N CYS A 57 -6.20 -11.04 1.80
CA CYS A 57 -5.92 -12.46 1.58
C CYS A 57 -5.11 -13.00 2.75
N ALA A 58 -4.81 -14.30 2.73
CA ALA A 58 -4.02 -14.94 3.78
C ALA A 58 -4.69 -14.79 5.15
N ASN A 59 -6.02 -14.77 5.15
CA ASN A 59 -6.81 -14.56 6.36
C ASN A 59 -6.54 -13.17 6.93
N ASN A 60 -6.51 -12.21 6.01
CA ASN A 60 -6.20 -10.82 6.33
C ASN A 60 -4.81 -10.71 6.96
N ARG A 61 -3.86 -11.38 6.34
CA ARG A 61 -2.47 -11.25 6.71
C ARG A 61 -1.68 -10.84 5.47
N GLY A 62 -2.41 -10.40 4.47
CA GLY A 62 -1.83 -9.92 3.25
C GLY A 62 -2.81 -9.09 2.45
N TRP A 63 -2.49 -7.83 2.20
CA TRP A 63 -3.33 -7.01 1.34
C TRP A 63 -2.94 -7.22 -0.13
N CYS A 64 -3.92 -7.57 -0.95
CA CYS A 64 -3.71 -7.72 -2.38
C CYS A 64 -3.39 -6.40 -3.03
N ARG A 65 -2.22 -6.33 -3.65
CA ARG A 65 -1.77 -5.14 -4.36
C ARG A 65 -1.22 -5.50 -5.73
N PRO A 66 -1.03 -4.52 -6.63
CA PRO A 66 -0.43 -4.76 -7.95
C PRO A 66 1.09 -4.92 -7.85
N THR A 67 1.65 -4.35 -6.79
CA THR A 67 3.07 -4.46 -6.50
C THR A 67 3.30 -4.24 -5.01
N CYS A 68 4.28 -4.92 -4.44
CA CYS A 68 4.47 -4.93 -3.00
C CYS A 68 5.56 -3.94 -2.56
N PHE A 69 5.47 -3.49 -1.31
CA PHE A 69 6.45 -2.60 -0.73
C PHE A 69 7.48 -3.38 0.07
N SER A 70 8.56 -2.70 0.43
CA SER A 70 9.61 -3.31 1.24
C SER A 70 9.20 -3.29 2.71
N HIS A 71 8.53 -4.37 3.12
CA HIS A 71 7.90 -4.52 4.44
C HIS A 71 6.88 -5.62 4.31
N GLU A 72 6.58 -5.94 3.05
CA GLU A 72 5.75 -7.05 2.67
C GLU A 72 6.41 -7.76 1.50
N TYR A 73 5.84 -8.88 1.07
CA TYR A 73 6.39 -9.64 -0.04
C TYR A 73 5.27 -10.25 -0.87
N THR A 74 5.63 -10.84 -1.98
CA THR A 74 4.68 -11.46 -2.87
C THR A 74 4.39 -12.88 -2.45
N ASP A 75 3.29 -13.08 -1.74
CA ASP A 75 2.83 -14.41 -1.42
C ASP A 75 2.12 -14.97 -2.64
N TRP A 76 2.71 -16.01 -3.22
CA TRP A 76 2.23 -16.58 -4.46
C TRP A 76 1.02 -17.49 -4.25
N PHE A 77 0.87 -18.02 -3.04
CA PHE A 77 -0.27 -18.87 -2.74
C PHE A 77 -1.55 -18.03 -2.76
N ASN A 78 -1.53 -16.95 -2.01
CA ASN A 78 -2.65 -16.04 -1.95
C ASN A 78 -2.67 -15.13 -3.17
N ASN A 79 -1.60 -15.15 -3.92
CA ASN A 79 -1.54 -14.47 -5.21
C ASN A 79 -2.58 -15.10 -6.14
N ASP A 80 -2.82 -16.38 -5.92
CA ASP A 80 -3.72 -17.15 -6.77
C ASP A 80 -5.15 -16.93 -6.33
N VAL A 81 -5.33 -16.65 -5.03
CA VAL A 81 -6.64 -16.35 -4.50
C VAL A 81 -7.07 -14.95 -4.90
N CYS A 82 -6.11 -14.15 -5.33
CA CYS A 82 -6.37 -12.80 -5.81
C CYS A 82 -6.56 -12.78 -7.32
N GLY A 83 -5.79 -13.60 -8.02
CA GLY A 83 -5.90 -13.66 -9.46
C GLY A 83 -5.00 -12.66 -10.16
N SER A 84 -5.49 -11.43 -10.30
CA SER A 84 -4.74 -10.38 -10.97
C SER A 84 -3.72 -9.77 -10.02
N TYR A 85 -4.17 -9.37 -8.84
CA TYR A 85 -3.28 -8.81 -7.83
C TYR A 85 -2.45 -9.88 -7.15
N ARG A 86 -1.33 -9.46 -6.60
CA ARG A 86 -0.45 -10.36 -5.87
C ARG A 86 -0.62 -10.11 -4.38
N CYS A 87 -0.44 -11.14 -3.57
CA CYS A 87 -0.68 -11.01 -2.15
C CYS A 87 0.52 -10.42 -1.45
N CYS A 88 0.33 -9.27 -0.84
CA CYS A 88 1.41 -8.60 -0.14
C CYS A 88 1.37 -8.90 1.35
N ARG A 89 2.14 -9.90 1.75
CA ARG A 89 2.21 -10.34 3.14
C ARG A 89 3.45 -9.76 3.81
N PRO A 90 3.32 -9.29 5.06
CA PRO A 90 4.40 -8.62 5.80
C PRO A 90 5.69 -9.41 5.87
N GLY A 91 6.77 -8.77 5.45
CA GLY A 91 8.06 -9.42 5.43
C GLY A 91 8.86 -9.01 4.22
N ARG A 92 9.63 -9.97 3.70
CA ARG A 92 10.47 -9.74 2.55
C ARG A 92 11.19 -11.04 2.17
N ALA A 2 6.53 1.34 -5.15
CA ALA A 2 6.32 2.75 -4.84
C ALA A 2 6.23 3.57 -6.13
N GLN A 3 6.13 4.89 -5.97
CA GLN A 3 6.04 5.83 -7.09
C GLN A 3 4.74 5.67 -7.87
N ALA A 4 4.16 6.81 -8.26
CA ALA A 4 2.91 6.86 -9.02
C ALA A 4 1.84 5.98 -8.37
N LEU A 5 1.52 6.31 -7.14
CA LEU A 5 0.50 5.56 -6.41
C LEU A 5 -0.86 6.18 -6.68
N LEU A 6 -1.84 5.82 -5.86
CA LEU A 6 -3.14 6.47 -5.87
C LEU A 6 -2.96 7.98 -5.77
N PRO A 7 -3.90 8.74 -6.33
CA PRO A 7 -3.95 10.19 -6.18
C PRO A 7 -4.02 10.61 -4.71
N ILE A 8 -3.51 11.80 -4.44
CA ILE A 8 -3.50 12.34 -3.09
C ILE A 8 -4.90 12.46 -2.49
N ALA A 9 -5.91 12.46 -3.34
CA ALA A 9 -7.29 12.51 -2.87
C ALA A 9 -7.72 11.16 -2.31
N SER A 10 -7.09 10.10 -2.81
CA SER A 10 -7.38 8.75 -2.34
C SER A 10 -6.89 8.54 -0.90
N TYR A 11 -6.00 9.41 -0.43
CA TYR A 11 -5.53 9.35 0.94
C TYR A 11 -5.97 10.59 1.72
N ALA A 12 -6.92 11.34 1.17
CA ALA A 12 -7.36 12.59 1.79
C ALA A 12 -7.81 12.37 3.24
N GLY A 13 -7.03 12.92 4.17
CA GLY A 13 -7.30 12.78 5.59
C GLY A 13 -7.16 11.36 6.06
N LEU A 14 -6.19 10.66 5.50
CA LEU A 14 -5.97 9.25 5.81
C LEU A 14 -4.53 9.01 6.21
N THR A 15 -4.31 7.93 6.94
CA THR A 15 -3.00 7.59 7.42
C THR A 15 -2.42 6.46 6.57
N VAL A 16 -1.42 6.80 5.77
CA VAL A 16 -0.80 5.86 4.85
C VAL A 16 0.54 5.39 5.41
N SER A 17 0.93 4.19 5.00
CA SER A 17 2.14 3.59 5.48
C SER A 17 3.37 4.31 4.95
N ALA A 18 4.48 4.25 5.68
CA ALA A 18 5.69 4.96 5.29
C ALA A 18 6.07 4.72 3.82
N PRO A 19 6.07 3.44 3.34
CA PRO A 19 6.37 3.13 1.93
C PRO A 19 5.54 3.94 0.93
N VAL A 20 4.25 4.12 1.24
CA VAL A 20 3.36 4.86 0.36
C VAL A 20 3.46 6.35 0.64
N PHE A 21 3.62 6.71 1.90
CA PHE A 21 3.81 8.09 2.33
C PHE A 21 5.02 8.70 1.66
N ALA A 22 6.16 8.05 1.84
CA ALA A 22 7.42 8.52 1.30
C ALA A 22 7.39 8.56 -0.22
N ALA A 23 6.70 7.59 -0.81
CA ALA A 23 6.58 7.53 -2.25
C ALA A 23 5.67 8.63 -2.75
N LEU A 24 4.63 8.89 -1.98
CA LEU A 24 3.73 10.01 -2.22
C LEU A 24 4.51 11.32 -2.18
N VAL A 25 5.33 11.49 -1.16
CA VAL A 25 6.19 12.67 -1.06
C VAL A 25 7.14 12.73 -2.24
N THR A 26 7.44 11.57 -2.79
CA THR A 26 8.32 11.46 -3.95
C THR A 26 7.66 12.06 -5.20
N VAL A 27 6.35 11.88 -5.33
CA VAL A 27 5.63 12.32 -6.51
C VAL A 27 4.76 13.55 -6.23
N TYR A 28 3.96 13.46 -5.18
CA TYR A 28 3.04 14.53 -4.81
C TYR A 28 3.73 15.54 -3.90
N GLY A 29 4.72 15.06 -3.17
CA GLY A 29 5.47 15.92 -2.29
C GLY A 29 4.83 16.00 -0.91
N ALA A 30 5.60 16.43 0.07
CA ALA A 30 5.08 16.63 1.40
C ALA A 30 4.06 17.77 1.39
N TYR A 31 4.19 18.63 0.39
CA TYR A 31 3.27 19.73 0.17
C TYR A 31 1.85 19.22 -0.07
N ALA A 32 1.67 18.38 -1.09
CA ALA A 32 0.36 17.84 -1.41
C ALA A 32 -0.15 16.96 -0.29
N LEU A 33 0.72 16.13 0.29
CA LEU A 33 0.33 15.26 1.37
C LEU A 33 -0.10 16.06 2.59
N TYR A 34 0.52 17.21 2.78
CA TYR A 34 0.14 18.12 3.86
C TYR A 34 -1.19 18.76 3.53
N ARG A 35 -1.41 19.00 2.26
CA ARG A 35 -2.61 19.64 1.78
C ARG A 35 -3.83 18.76 1.98
N TYR A 36 -3.67 17.47 1.70
CA TYR A 36 -4.78 16.53 1.75
C TYR A 36 -4.84 15.82 3.09
N ASN A 37 -4.09 16.31 4.06
CA ASN A 37 -4.05 15.73 5.40
C ASN A 37 -3.72 14.24 5.33
N ILE A 38 -2.74 13.92 4.51
CA ILE A 38 -2.26 12.56 4.39
C ILE A 38 -1.20 12.29 5.44
N ARG A 39 -1.46 11.32 6.30
CA ARG A 39 -0.61 11.06 7.45
C ARG A 39 0.21 9.80 7.23
N ARG A 40 1.06 9.47 8.19
CA ARG A 40 1.98 8.34 8.05
C ARG A 40 1.84 7.35 9.20
N ARG A 41 1.84 6.07 8.86
CA ARG A 41 1.68 5.01 9.88
C ARG A 41 2.22 3.66 9.40
N GLU A 42 2.58 2.81 10.34
CA GLU A 42 2.78 1.38 10.11
C GLU A 42 2.57 0.61 11.39
N ASN A 43 2.55 -0.71 11.27
CA ASN A 43 2.40 -1.60 12.41
C ASN A 43 2.94 -2.98 12.05
N SER A 44 4.14 -2.98 11.46
CA SER A 44 4.82 -4.19 11.01
C SER A 44 4.17 -4.80 9.77
N TYR A 45 2.85 -4.96 9.81
CA TYR A 45 2.11 -5.57 8.71
C TYR A 45 1.96 -4.62 7.53
N GLN A 46 1.27 -5.09 6.51
CA GLN A 46 0.98 -4.28 5.33
C GLN A 46 -0.07 -3.23 5.65
N ARG A 47 -0.28 -2.31 4.72
CA ARG A 47 -1.34 -1.32 4.84
C ARG A 47 -1.38 -0.49 3.57
N ILE A 48 -1.74 -1.15 2.49
CA ILE A 48 -1.84 -0.47 1.20
C ILE A 48 -3.23 0.13 1.00
N ARG A 49 -3.25 1.39 0.60
CA ARG A 49 -4.49 2.09 0.29
C ARG A 49 -4.98 1.75 -1.12
N SER A 50 -5.28 0.47 -1.33
CA SER A 50 -5.83 -0.02 -2.59
C SER A 50 -4.85 0.20 -3.76
N ASP A 51 -5.34 -0.03 -4.97
CA ASP A 51 -4.59 0.17 -6.21
C ASP A 51 -5.53 0.11 -7.40
N HIS A 52 -5.70 -1.08 -7.96
CA HIS A 52 -6.61 -1.28 -9.07
C HIS A 52 -7.40 -2.57 -8.86
N ASP A 53 -6.78 -3.71 -9.17
CA ASP A 53 -7.42 -5.00 -8.95
C ASP A 53 -7.10 -5.51 -7.55
N SER A 54 -6.86 -4.57 -6.65
CA SER A 54 -6.44 -4.89 -5.31
C SER A 54 -7.61 -5.31 -4.43
N HIS A 55 -7.28 -6.06 -3.39
CA HIS A 55 -8.27 -6.60 -2.44
C HIS A 55 -7.56 -7.25 -1.28
N SER A 56 -8.32 -7.73 -0.31
CA SER A 56 -7.78 -8.39 0.86
C SER A 56 -7.50 -9.87 0.58
N CYS A 57 -6.45 -10.40 1.21
CA CYS A 57 -6.13 -11.81 1.10
C CYS A 57 -5.47 -12.28 2.40
N ALA A 58 -5.27 -13.60 2.51
CA ALA A 58 -4.65 -14.20 3.68
C ALA A 58 -5.46 -13.88 4.95
N ASN A 59 -6.78 -13.88 4.80
CA ASN A 59 -7.69 -13.50 5.88
C ASN A 59 -7.46 -12.04 6.27
N ASN A 60 -7.19 -11.24 5.26
CA ASN A 60 -6.91 -9.81 5.40
C ASN A 60 -5.72 -9.57 6.33
N ARG A 61 -4.76 -10.49 6.30
CA ARG A 61 -3.50 -10.26 6.96
C ARG A 61 -2.55 -9.61 5.98
N GLY A 62 -2.87 -9.75 4.70
CA GLY A 62 -2.10 -9.14 3.66
C GLY A 62 -2.98 -8.51 2.61
N TRP A 63 -2.47 -7.49 1.96
CA TRP A 63 -3.20 -6.82 0.88
C TRP A 63 -2.68 -7.25 -0.49
N CYS A 64 -3.61 -7.42 -1.43
CA CYS A 64 -3.25 -7.76 -2.81
C CYS A 64 -2.80 -6.54 -3.59
N ARG A 65 -1.55 -6.54 -4.00
CA ARG A 65 -0.99 -5.47 -4.83
C ARG A 65 -0.28 -6.07 -6.04
N PRO A 66 0.01 -5.27 -7.07
CA PRO A 66 0.80 -5.72 -8.21
C PRO A 66 2.26 -5.94 -7.81
N THR A 67 2.72 -5.11 -6.88
CA THR A 67 4.08 -5.20 -6.36
C THR A 67 4.08 -4.88 -4.86
N CYS A 68 4.97 -5.52 -4.12
CA CYS A 68 4.98 -5.43 -2.65
C CYS A 68 6.10 -4.56 -2.13
N PHE A 69 5.93 -4.03 -0.92
CA PHE A 69 6.91 -3.16 -0.28
C PHE A 69 7.78 -3.92 0.71
N SER A 70 8.86 -3.30 1.13
CA SER A 70 9.81 -3.92 2.06
C SER A 70 9.29 -3.87 3.50
N HIS A 71 8.54 -4.91 3.88
CA HIS A 71 7.81 -5.00 5.15
C HIS A 71 6.69 -6.00 4.93
N GLU A 72 6.56 -6.39 3.67
CA GLU A 72 5.70 -7.46 3.24
C GLU A 72 6.43 -8.24 2.15
N TYR A 73 5.87 -9.36 1.72
CA TYR A 73 6.49 -10.17 0.68
C TYR A 73 5.44 -10.78 -0.23
N THR A 74 5.91 -11.32 -1.34
CA THR A 74 5.04 -12.01 -2.28
C THR A 74 4.66 -13.39 -1.75
N ASP A 75 3.49 -13.48 -1.15
CA ASP A 75 2.95 -14.78 -0.77
C ASP A 75 2.26 -15.39 -1.99
N TRP A 76 2.81 -16.50 -2.46
CA TRP A 76 2.33 -17.12 -3.69
C TRP A 76 1.07 -17.94 -3.47
N PHE A 77 0.82 -18.35 -2.23
CA PHE A 77 -0.38 -19.09 -1.88
C PHE A 77 -1.61 -18.20 -2.09
N ASN A 78 -1.60 -17.04 -1.47
CA ASN A 78 -2.69 -16.11 -1.60
C ASN A 78 -2.55 -15.31 -2.90
N ASN A 79 -1.40 -15.44 -3.55
CA ASN A 79 -1.22 -14.93 -4.89
C ASN A 79 -2.14 -15.71 -5.84
N ASP A 80 -2.51 -16.90 -5.40
CA ASP A 80 -3.38 -17.76 -6.20
C ASP A 80 -4.83 -17.35 -6.00
N VAL A 81 -5.15 -16.90 -4.79
CA VAL A 81 -6.49 -16.43 -4.49
C VAL A 81 -6.75 -15.08 -5.17
N CYS A 82 -5.67 -14.39 -5.48
CA CYS A 82 -5.77 -13.11 -6.18
C CYS A 82 -5.63 -13.30 -7.69
N GLY A 83 -4.85 -14.30 -8.09
CA GLY A 83 -4.71 -14.62 -9.50
C GLY A 83 -3.70 -13.73 -10.19
N SER A 84 -4.05 -12.46 -10.35
CA SER A 84 -3.18 -11.52 -11.03
C SER A 84 -2.25 -10.81 -10.03
N TYR A 85 -2.82 -10.29 -8.96
CA TYR A 85 -2.05 -9.62 -7.93
C TYR A 85 -1.38 -10.60 -6.99
N ARG A 86 -0.28 -10.18 -6.43
CA ARG A 86 0.43 -10.96 -5.44
C ARG A 86 -0.04 -10.57 -4.05
N CYS A 87 -0.07 -11.52 -3.14
CA CYS A 87 -0.51 -11.23 -1.80
C CYS A 87 0.65 -10.69 -0.99
N CYS A 88 0.55 -9.43 -0.61
CA CYS A 88 1.58 -8.79 0.18
C CYS A 88 1.43 -9.14 1.64
N ARG A 89 2.03 -10.27 2.01
CA ARG A 89 1.99 -10.76 3.39
C ARG A 89 3.13 -10.15 4.19
N PRO A 90 2.82 -9.63 5.39
CA PRO A 90 3.79 -8.97 6.28
C PRO A 90 5.09 -9.75 6.48
N GLY A 91 6.20 -9.06 6.29
CA GLY A 91 7.50 -9.66 6.47
C GLY A 91 8.43 -9.39 5.31
N ARG A 92 9.14 -10.43 4.91
CA ARG A 92 9.99 -10.38 3.75
C ARG A 92 10.24 -11.77 3.23
N ALA A 2 6.98 1.39 -5.43
CA ALA A 2 7.27 2.61 -4.69
C ALA A 2 7.73 3.74 -5.62
N GLN A 3 7.24 4.94 -5.35
CA GLN A 3 7.38 6.11 -6.24
C GLN A 3 6.42 5.95 -7.42
N ALA A 4 5.57 6.97 -7.61
CA ALA A 4 4.47 6.91 -8.58
C ALA A 4 3.46 5.84 -8.15
N LEU A 5 2.67 6.17 -7.15
CA LEU A 5 1.71 5.23 -6.58
C LEU A 5 0.29 5.67 -6.93
N LEU A 6 -0.68 5.14 -6.18
CA LEU A 6 -2.04 5.64 -6.21
C LEU A 6 -2.05 7.15 -6.03
N PRO A 7 -2.97 7.81 -6.73
CA PRO A 7 -3.19 9.25 -6.59
C PRO A 7 -3.44 9.65 -5.15
N ILE A 8 -3.05 10.89 -4.84
CA ILE A 8 -3.18 11.42 -3.49
C ILE A 8 -4.62 11.42 -2.98
N ALA A 9 -5.57 11.27 -3.88
CA ALA A 9 -6.96 11.21 -3.49
C ALA A 9 -7.32 9.82 -2.97
N SER A 10 -6.50 8.83 -3.32
CA SER A 10 -6.72 7.47 -2.87
C SER A 10 -6.39 7.34 -1.38
N TYR A 11 -5.51 8.21 -0.89
CA TYR A 11 -5.14 8.21 0.52
C TYR A 11 -5.77 9.41 1.21
N ALA A 12 -6.73 10.04 0.56
CA ALA A 12 -7.37 11.23 1.10
C ALA A 12 -7.91 11.00 2.51
N GLY A 13 -7.29 11.67 3.47
CA GLY A 13 -7.68 11.55 4.87
C GLY A 13 -7.36 10.20 5.46
N LEU A 14 -6.27 9.61 4.98
CA LEU A 14 -5.88 8.28 5.41
C LEU A 14 -4.45 8.26 5.92
N THR A 15 -4.08 7.15 6.52
CA THR A 15 -2.76 6.98 7.07
C THR A 15 -1.99 5.93 6.26
N VAL A 16 -0.93 6.34 5.58
CA VAL A 16 -0.16 5.45 4.71
C VAL A 16 1.16 5.06 5.34
N SER A 17 1.73 3.95 4.87
CA SER A 17 3.00 3.46 5.39
C SER A 17 4.14 4.37 4.96
N ALA A 18 5.27 4.31 5.65
CA ALA A 18 6.42 5.13 5.29
C ALA A 18 6.85 4.91 3.82
N PRO A 19 7.00 3.64 3.36
CA PRO A 19 7.33 3.34 1.95
C PRO A 19 6.47 4.10 0.94
N VAL A 20 5.17 4.18 1.22
CA VAL A 20 4.25 4.87 0.33
C VAL A 20 4.24 6.37 0.62
N PHE A 21 4.34 6.71 1.90
CA PHE A 21 4.36 8.09 2.35
C PHE A 21 5.55 8.84 1.75
N ALA A 22 6.75 8.31 1.98
CA ALA A 22 7.97 8.93 1.51
C ALA A 22 8.01 8.97 -0.01
N ALA A 23 7.43 7.97 -0.65
CA ALA A 23 7.39 7.90 -2.08
C ALA A 23 6.38 8.91 -2.61
N LEU A 24 5.27 9.03 -1.90
CA LEU A 24 4.26 10.04 -2.17
C LEU A 24 4.87 11.42 -2.08
N VAL A 25 5.58 11.69 -1.00
CA VAL A 25 6.28 12.97 -0.83
C VAL A 25 7.27 13.18 -1.97
N THR A 26 7.79 12.08 -2.49
CA THR A 26 8.73 12.12 -3.60
C THR A 26 8.04 12.66 -4.86
N VAL A 27 6.81 12.23 -5.11
CA VAL A 27 6.11 12.60 -6.34
C VAL A 27 5.08 13.71 -6.10
N TYR A 28 4.25 13.55 -5.09
CA TYR A 28 3.20 14.50 -4.75
C TYR A 28 3.70 15.57 -3.79
N GLY A 29 4.69 15.19 -3.00
CA GLY A 29 5.24 16.11 -2.03
C GLY A 29 4.49 16.06 -0.72
N ALA A 30 5.13 16.53 0.34
CA ALA A 30 4.49 16.56 1.64
C ALA A 30 3.36 17.59 1.62
N TYR A 31 3.49 18.55 0.72
CA TYR A 31 2.48 19.57 0.52
C TYR A 31 1.18 18.93 0.02
N ALA A 32 1.26 18.11 -1.03
CA ALA A 32 0.08 17.43 -1.54
C ALA A 32 -0.47 16.45 -0.51
N LEU A 33 0.42 15.74 0.15
CA LEU A 33 0.02 14.79 1.17
C LEU A 33 -0.67 15.51 2.34
N TYR A 34 -0.19 16.69 2.66
CA TYR A 34 -0.80 17.51 3.69
C TYR A 34 -2.16 18.02 3.20
N ARG A 35 -2.22 18.26 1.90
CA ARG A 35 -3.42 18.81 1.28
C ARG A 35 -4.57 17.82 1.32
N TYR A 36 -4.25 16.56 1.15
CA TYR A 36 -5.28 15.52 1.13
C TYR A 36 -5.38 14.81 2.47
N ASN A 37 -4.74 15.38 3.48
CA ASN A 37 -4.75 14.84 4.83
C ASN A 37 -4.24 13.41 4.84
N ILE A 38 -3.15 13.20 4.12
CA ILE A 38 -2.49 11.92 4.08
C ILE A 38 -1.41 11.86 5.15
N ARG A 39 -1.55 10.93 6.07
CA ARG A 39 -0.63 10.83 7.19
C ARG A 39 0.24 9.61 7.05
N ARG A 40 1.08 9.38 8.05
CA ARG A 40 2.01 8.27 8.03
C ARG A 40 1.71 7.33 9.19
N ARG A 41 1.51 6.06 8.88
CA ARG A 41 1.04 5.08 9.85
C ARG A 41 2.15 4.16 10.31
N GLU A 42 2.01 3.63 11.52
CA GLU A 42 2.84 2.52 11.95
C GLU A 42 2.36 1.25 11.32
N ASN A 43 3.28 0.35 11.06
CA ASN A 43 2.95 -0.88 10.36
C ASN A 43 4.14 -1.83 10.31
N SER A 44 3.96 -2.97 10.95
CA SER A 44 4.86 -4.10 10.76
C SER A 44 4.18 -5.06 9.79
N TYR A 45 3.14 -4.54 9.14
CA TYR A 45 2.29 -5.33 8.28
C TYR A 45 1.77 -4.48 7.12
N GLN A 46 1.02 -5.10 6.22
CA GLN A 46 0.50 -4.43 5.07
C GLN A 46 -0.90 -3.87 5.34
N ARG A 47 -1.09 -2.61 5.02
CA ARG A 47 -2.36 -1.91 5.20
C ARG A 47 -2.34 -0.62 4.40
N ILE A 48 -2.42 -0.74 3.07
CA ILE A 48 -2.36 0.42 2.20
C ILE A 48 -3.41 0.31 1.09
N ARG A 49 -4.29 1.30 0.99
CA ARG A 49 -5.33 1.28 -0.05
C ARG A 49 -4.73 1.47 -1.44
N SER A 50 -4.90 0.44 -2.26
CA SER A 50 -4.46 0.49 -3.64
C SER A 50 -5.65 0.48 -4.60
N ASP A 51 -5.40 0.12 -5.86
CA ASP A 51 -6.42 0.17 -6.92
C ASP A 51 -7.62 -0.73 -6.67
N HIS A 52 -8.51 -0.83 -7.66
CA HIS A 52 -9.75 -1.59 -7.50
C HIS A 52 -9.50 -3.10 -7.41
N ASP A 53 -8.43 -3.59 -8.04
CA ASP A 53 -8.14 -5.03 -8.01
C ASP A 53 -7.61 -5.42 -6.65
N SER A 54 -7.32 -4.42 -5.83
CA SER A 54 -6.82 -4.64 -4.50
C SER A 54 -7.93 -5.11 -3.59
N HIS A 55 -7.54 -5.84 -2.55
CA HIS A 55 -8.47 -6.40 -1.58
C HIS A 55 -7.72 -7.17 -0.51
N SER A 56 -8.47 -7.67 0.45
CA SER A 56 -7.88 -8.42 1.55
C SER A 56 -7.55 -9.86 1.14
N CYS A 57 -6.39 -10.34 1.57
CA CYS A 57 -6.00 -11.72 1.35
C CYS A 57 -5.32 -12.26 2.60
N ALA A 58 -5.11 -13.57 2.63
CA ALA A 58 -4.47 -14.23 3.77
C ALA A 58 -5.23 -13.93 5.06
N ASN A 59 -6.56 -13.82 4.94
CA ASN A 59 -7.44 -13.50 6.06
C ASN A 59 -7.17 -12.09 6.56
N ASN A 60 -6.91 -11.19 5.61
CA ASN A 60 -6.62 -9.79 5.89
C ASN A 60 -5.35 -9.66 6.73
N ARG A 61 -4.43 -10.58 6.52
CA ARG A 61 -3.09 -10.44 7.07
C ARG A 61 -2.20 -9.81 6.03
N GLY A 62 -2.76 -9.66 4.84
CA GLY A 62 -2.08 -8.98 3.76
C GLY A 62 -3.07 -8.31 2.84
N TRP A 63 -2.63 -7.26 2.17
CA TRP A 63 -3.46 -6.56 1.21
C TRP A 63 -2.94 -6.80 -0.20
N CYS A 64 -3.85 -7.18 -1.10
CA CYS A 64 -3.51 -7.40 -2.51
C CYS A 64 -3.09 -6.10 -3.16
N ARG A 65 -1.86 -6.09 -3.66
CA ARG A 65 -1.32 -4.93 -4.35
C ARG A 65 -0.67 -5.37 -5.67
N PRO A 66 -0.39 -4.42 -6.57
CA PRO A 66 0.30 -4.72 -7.82
C PRO A 66 1.79 -4.95 -7.58
N THR A 67 2.32 -4.31 -6.55
CA THR A 67 3.71 -4.47 -6.18
C THR A 67 3.84 -4.34 -4.66
N CYS A 68 4.78 -5.07 -4.08
CA CYS A 68 4.94 -5.10 -2.63
C CYS A 68 6.09 -4.19 -2.19
N PHE A 69 5.97 -3.65 -0.98
CA PHE A 69 7.00 -2.80 -0.40
C PHE A 69 7.94 -3.61 0.49
N SER A 70 9.06 -3.01 0.84
CA SER A 70 10.06 -3.67 1.67
C SER A 70 9.63 -3.67 3.12
N HIS A 71 8.90 -4.73 3.52
CA HIS A 71 8.25 -4.84 4.83
C HIS A 71 7.12 -5.85 4.67
N GLU A 72 6.83 -6.13 3.41
CA GLU A 72 5.91 -7.18 3.02
C GLU A 72 6.54 -7.97 1.88
N TYR A 73 5.98 -9.12 1.55
CA TYR A 73 6.48 -9.95 0.47
C TYR A 73 5.33 -10.50 -0.35
N THR A 74 5.67 -11.04 -1.50
CA THR A 74 4.71 -11.63 -2.40
C THR A 74 4.35 -13.04 -1.95
N ASP A 75 3.20 -13.19 -1.31
CA ASP A 75 2.69 -14.51 -0.98
C ASP A 75 2.02 -15.06 -2.22
N TRP A 76 2.71 -15.99 -2.88
CA TRP A 76 2.28 -16.52 -4.17
C TRP A 76 1.06 -17.41 -4.04
N PHE A 77 0.83 -17.95 -2.86
CA PHE A 77 -0.35 -18.78 -2.62
C PHE A 77 -1.59 -17.90 -2.63
N ASN A 78 -1.52 -16.80 -1.90
CA ASN A 78 -2.63 -15.86 -1.87
C ASN A 78 -2.65 -15.01 -3.14
N ASN A 79 -1.57 -15.06 -3.92
CA ASN A 79 -1.60 -14.50 -5.27
C ASN A 79 -2.73 -15.15 -6.06
N ASP A 80 -2.90 -16.45 -5.82
CA ASP A 80 -3.96 -17.21 -6.45
C ASP A 80 -5.33 -16.69 -6.03
N VAL A 81 -5.47 -16.34 -4.76
CA VAL A 81 -6.75 -15.81 -4.26
C VAL A 81 -6.94 -14.37 -4.70
N CYS A 82 -5.83 -13.71 -5.05
CA CYS A 82 -5.87 -12.33 -5.50
C CYS A 82 -6.08 -12.25 -7.02
N GLY A 83 -5.77 -13.33 -7.71
CA GLY A 83 -5.98 -13.38 -9.14
C GLY A 83 -4.97 -12.55 -9.90
N SER A 84 -5.30 -11.28 -10.14
CA SER A 84 -4.44 -10.39 -10.89
C SER A 84 -3.31 -9.87 -10.00
N TYR A 85 -3.66 -9.52 -8.77
CA TYR A 85 -2.70 -8.93 -7.85
C TYR A 85 -1.94 -9.97 -7.06
N ARG A 86 -0.94 -9.51 -6.35
CA ARG A 86 -0.13 -10.36 -5.50
C ARG A 86 -0.45 -10.07 -4.04
N CYS A 87 -0.32 -11.07 -3.18
CA CYS A 87 -0.65 -10.88 -1.78
C CYS A 87 0.56 -10.37 -1.02
N CYS A 88 0.46 -9.15 -0.55
CA CYS A 88 1.55 -8.56 0.21
C CYS A 88 1.41 -8.89 1.69
N ARG A 89 2.13 -9.93 2.09
CA ARG A 89 2.13 -10.39 3.47
C ARG A 89 3.34 -9.81 4.21
N PRO A 90 3.18 -9.47 5.50
CA PRO A 90 4.23 -8.80 6.30
C PRO A 90 5.51 -9.61 6.39
N GLY A 91 6.60 -9.00 5.95
CA GLY A 91 7.88 -9.67 5.98
C GLY A 91 8.73 -9.35 4.77
N ARG A 92 9.45 -10.36 4.30
CA ARG A 92 10.23 -10.25 3.09
C ARG A 92 10.71 -11.64 2.68
N ALA A 2 8.03 3.30 -3.28
CA ALA A 2 6.68 3.06 -3.77
C ALA A 2 6.58 3.52 -5.23
N GLN A 3 6.65 4.84 -5.43
CA GLN A 3 6.66 5.50 -6.73
C GLN A 3 5.40 5.22 -7.57
N ALA A 4 4.81 6.32 -8.07
CA ALA A 4 3.61 6.25 -8.90
C ALA A 4 2.49 5.49 -8.19
N LEU A 5 1.92 6.12 -7.17
CA LEU A 5 0.91 5.47 -6.36
C LEU A 5 -0.46 6.07 -6.65
N LEU A 6 -1.41 5.80 -5.77
CA LEU A 6 -2.73 6.41 -5.82
C LEU A 6 -2.61 7.94 -5.80
N PRO A 7 -3.67 8.64 -6.21
CA PRO A 7 -3.71 10.11 -6.14
C PRO A 7 -3.82 10.59 -4.70
N ILE A 8 -3.41 11.84 -4.48
CA ILE A 8 -3.42 12.42 -3.15
C ILE A 8 -4.81 12.46 -2.53
N ALA A 9 -5.84 12.43 -3.38
CA ALA A 9 -7.20 12.42 -2.90
C ALA A 9 -7.58 11.03 -2.39
N SER A 10 -6.88 10.01 -2.89
CA SER A 10 -7.11 8.66 -2.44
C SER A 10 -6.66 8.47 -0.99
N TYR A 11 -5.72 9.31 -0.54
CA TYR A 11 -5.25 9.25 0.84
C TYR A 11 -5.78 10.45 1.63
N ALA A 12 -6.77 11.15 1.07
CA ALA A 12 -7.29 12.35 1.69
C ALA A 12 -7.74 12.10 3.13
N GLY A 13 -7.01 12.67 4.08
CA GLY A 13 -7.29 12.49 5.48
C GLY A 13 -7.09 11.06 5.93
N LEU A 14 -6.04 10.44 5.39
CA LEU A 14 -5.76 9.04 5.66
C LEU A 14 -4.30 8.85 6.02
N THR A 15 -4.01 7.78 6.73
CA THR A 15 -2.66 7.51 7.19
C THR A 15 -2.00 6.45 6.31
N VAL A 16 -0.93 6.84 5.62
CA VAL A 16 -0.22 5.94 4.73
C VAL A 16 1.13 5.57 5.32
N SER A 17 1.69 4.47 4.87
CA SER A 17 2.95 4.00 5.38
C SER A 17 4.10 4.86 4.86
N ALA A 18 5.24 4.84 5.54
CA ALA A 18 6.39 5.64 5.13
C ALA A 18 6.77 5.40 3.66
N PRO A 19 6.86 4.12 3.20
CA PRO A 19 7.16 3.81 1.79
C PRO A 19 6.30 4.59 0.81
N VAL A 20 5.00 4.65 1.09
CA VAL A 20 4.05 5.32 0.21
C VAL A 20 4.04 6.82 0.49
N PHE A 21 4.19 7.17 1.76
CA PHE A 21 4.26 8.56 2.19
C PHE A 21 5.43 9.28 1.53
N ALA A 22 6.62 8.72 1.70
CA ALA A 22 7.85 9.31 1.15
C ALA A 22 7.79 9.37 -0.37
N ALA A 23 7.18 8.36 -0.97
CA ALA A 23 7.04 8.30 -2.41
C ALA A 23 6.04 9.35 -2.87
N LEU A 24 4.99 9.49 -2.09
CA LEU A 24 4.00 10.54 -2.30
C LEU A 24 4.67 11.90 -2.25
N VAL A 25 5.48 12.12 -1.23
CA VAL A 25 6.25 13.36 -1.13
C VAL A 25 7.18 13.50 -2.33
N THR A 26 7.56 12.37 -2.90
CA THR A 26 8.43 12.35 -4.06
C THR A 26 7.72 12.89 -5.30
N VAL A 27 6.43 12.61 -5.42
CA VAL A 27 5.66 13.02 -6.59
C VAL A 27 4.70 14.17 -6.27
N TYR A 28 3.92 14.02 -5.23
CA TYR A 28 2.95 15.03 -4.82
C TYR A 28 3.59 16.06 -3.88
N GLY A 29 4.60 15.61 -3.16
CA GLY A 29 5.27 16.48 -2.23
C GLY A 29 4.61 16.45 -0.87
N ALA A 30 5.34 16.88 0.15
CA ALA A 30 4.79 16.97 1.49
C ALA A 30 3.74 18.07 1.53
N TYR A 31 3.90 19.02 0.62
CA TYR A 31 2.95 20.10 0.44
C TYR A 31 1.56 19.57 0.10
N ALA A 32 1.47 18.78 -0.98
CA ALA A 32 0.21 18.20 -1.38
C ALA A 32 -0.30 17.22 -0.33
N LEU A 33 0.61 16.43 0.23
CA LEU A 33 0.23 15.48 1.27
C LEU A 33 -0.33 16.20 2.49
N TYR A 34 0.25 17.34 2.82
CA TYR A 34 -0.24 18.16 3.91
C TYR A 34 -1.60 18.72 3.56
N ARG A 35 -1.75 19.08 2.29
CA ARG A 35 -2.97 19.67 1.80
C ARG A 35 -4.14 18.72 1.92
N TYR A 36 -3.89 17.45 1.66
CA TYR A 36 -4.94 16.44 1.69
C TYR A 36 -4.97 15.69 3.01
N ASN A 37 -4.31 16.25 4.02
CA ASN A 37 -4.27 15.65 5.36
C ASN A 37 -3.82 14.19 5.29
N ILE A 38 -2.79 13.95 4.48
CA ILE A 38 -2.25 12.62 4.35
C ILE A 38 -1.19 12.39 5.42
N ARG A 39 -1.38 11.36 6.20
CA ARG A 39 -0.57 11.12 7.38
C ARG A 39 0.36 9.94 7.16
N ARG A 40 1.21 9.68 8.13
CA ARG A 40 2.20 8.61 8.02
C ARG A 40 2.10 7.65 9.20
N ARG A 41 2.07 6.36 8.89
CA ARG A 41 1.98 5.33 9.92
C ARG A 41 3.04 4.27 9.77
N GLU A 42 3.28 3.54 10.85
CA GLU A 42 4.15 2.37 10.82
C GLU A 42 3.45 1.21 10.18
N ASN A 43 4.22 0.34 9.57
CA ASN A 43 3.67 -0.78 8.82
C ASN A 43 4.60 -1.98 8.85
N SER A 44 4.44 -2.82 9.86
CA SER A 44 5.10 -4.10 9.89
C SER A 44 4.25 -5.14 9.17
N TYR A 45 3.17 -4.64 8.59
CA TYR A 45 2.17 -5.47 7.95
C TYR A 45 1.60 -4.76 6.73
N GLN A 46 0.50 -5.28 6.20
CA GLN A 46 -0.12 -4.71 5.02
C GLN A 46 -1.09 -3.57 5.39
N ARG A 47 -0.94 -2.44 4.73
CA ARG A 47 -1.86 -1.34 4.93
C ARG A 47 -1.83 -0.44 3.71
N ILE A 48 -2.23 -1.00 2.59
CA ILE A 48 -2.11 -0.34 1.30
C ILE A 48 -3.42 0.37 0.95
N ARG A 49 -3.34 1.34 0.06
CA ARG A 49 -4.49 2.17 -0.28
C ARG A 49 -5.22 1.60 -1.49
N SER A 50 -5.15 0.28 -1.64
CA SER A 50 -5.81 -0.45 -2.70
C SER A 50 -5.40 0.00 -4.11
N ASP A 51 -4.90 -0.94 -4.90
CA ASP A 51 -4.64 -0.70 -6.31
C ASP A 51 -5.84 -1.18 -7.12
N HIS A 52 -5.75 -1.15 -8.45
CA HIS A 52 -6.92 -1.37 -9.31
C HIS A 52 -7.64 -2.70 -9.04
N ASP A 53 -6.91 -3.77 -8.75
CA ASP A 53 -7.56 -5.05 -8.43
C ASP A 53 -7.07 -5.61 -7.11
N SER A 54 -6.83 -4.72 -6.17
CA SER A 54 -6.35 -5.11 -4.86
C SER A 54 -7.50 -5.58 -3.98
N HIS A 55 -7.15 -6.31 -2.94
CA HIS A 55 -8.12 -6.84 -1.99
C HIS A 55 -7.40 -7.57 -0.88
N SER A 56 -8.17 -8.07 0.06
CA SER A 56 -7.61 -8.81 1.18
C SER A 56 -7.41 -10.28 0.79
N CYS A 57 -6.40 -10.89 1.40
CA CYS A 57 -6.16 -12.31 1.23
C CYS A 57 -5.53 -12.87 2.51
N ALA A 58 -5.41 -14.20 2.58
CA ALA A 58 -4.82 -14.87 3.74
C ALA A 58 -5.60 -14.53 5.01
N ASN A 59 -6.91 -14.41 4.86
CA ASN A 59 -7.79 -13.99 5.95
C ASN A 59 -7.44 -12.58 6.40
N ASN A 60 -7.20 -11.72 5.41
CA ASN A 60 -6.81 -10.33 5.63
C ASN A 60 -5.52 -10.23 6.45
N ARG A 61 -4.66 -11.24 6.27
CA ARG A 61 -3.32 -11.19 6.83
C ARG A 61 -2.34 -10.88 5.70
N GLY A 62 -2.88 -10.30 4.65
CA GLY A 62 -2.10 -9.91 3.50
C GLY A 62 -2.94 -9.08 2.55
N TRP A 63 -2.42 -7.94 2.11
CA TRP A 63 -3.10 -7.16 1.07
C TRP A 63 -2.59 -7.54 -0.31
N CYS A 64 -3.51 -7.77 -1.23
CA CYS A 64 -3.17 -8.09 -2.62
C CYS A 64 -2.69 -6.85 -3.35
N ARG A 65 -1.47 -6.91 -3.88
CA ARG A 65 -0.88 -5.81 -4.63
C ARG A 65 -0.29 -6.31 -5.94
N PRO A 66 0.08 -5.38 -6.84
CA PRO A 66 0.87 -5.70 -8.03
C PRO A 66 2.35 -5.86 -7.68
N THR A 67 2.78 -5.16 -6.62
CA THR A 67 4.15 -5.23 -6.13
C THR A 67 4.13 -5.12 -4.61
N CYS A 68 5.07 -5.77 -3.95
CA CYS A 68 5.10 -5.80 -2.49
C CYS A 68 6.11 -4.82 -1.92
N PHE A 69 5.71 -4.14 -0.84
CA PHE A 69 6.59 -3.21 -0.14
C PHE A 69 7.50 -3.95 0.84
N SER A 70 8.48 -3.24 1.37
CA SER A 70 9.43 -3.82 2.30
C SER A 70 8.84 -3.89 3.71
N HIS A 71 8.09 -4.97 3.96
CA HIS A 71 7.30 -5.18 5.17
C HIS A 71 6.22 -6.19 4.84
N GLU A 72 6.17 -6.54 3.56
CA GLU A 72 5.29 -7.57 3.05
C GLU A 72 6.03 -8.34 1.96
N TYR A 73 5.59 -9.55 1.68
CA TYR A 73 6.25 -10.38 0.68
C TYR A 73 5.22 -10.98 -0.26
N THR A 74 5.72 -11.68 -1.26
CA THR A 74 4.87 -12.32 -2.25
C THR A 74 4.46 -13.70 -1.77
N ASP A 75 3.26 -13.78 -1.19
CA ASP A 75 2.69 -15.06 -0.83
C ASP A 75 2.07 -15.68 -2.06
N TRP A 76 2.66 -16.75 -2.53
CA TRP A 76 2.26 -17.39 -3.78
C TRP A 76 1.00 -18.24 -3.61
N PHE A 77 0.70 -18.62 -2.37
CA PHE A 77 -0.50 -19.39 -2.08
C PHE A 77 -1.74 -18.54 -2.30
N ASN A 78 -1.77 -17.40 -1.64
CA ASN A 78 -2.88 -16.47 -1.78
C ASN A 78 -2.75 -15.65 -3.04
N ASN A 79 -1.59 -15.75 -3.69
CA ASN A 79 -1.42 -15.20 -5.02
C ASN A 79 -2.43 -15.85 -5.95
N ASP A 80 -2.67 -17.13 -5.71
CA ASP A 80 -3.66 -17.89 -6.48
C ASP A 80 -5.07 -17.37 -6.21
N VAL A 81 -5.38 -17.08 -4.94
CA VAL A 81 -6.72 -16.58 -4.59
C VAL A 81 -6.94 -15.17 -5.15
N CYS A 82 -5.85 -14.46 -5.41
CA CYS A 82 -5.92 -13.12 -5.98
C CYS A 82 -6.02 -13.19 -7.50
N GLY A 83 -5.37 -14.18 -8.09
CA GLY A 83 -5.42 -14.35 -9.53
C GLY A 83 -4.25 -13.68 -10.22
N SER A 84 -4.34 -12.37 -10.40
CA SER A 84 -3.28 -11.64 -11.07
C SER A 84 -2.38 -10.92 -10.06
N TYR A 85 -2.99 -10.37 -9.02
CA TYR A 85 -2.24 -9.74 -7.95
C TYR A 85 -1.55 -10.76 -7.08
N ARG A 86 -0.45 -10.35 -6.49
CA ARG A 86 0.28 -11.18 -5.56
C ARG A 86 -0.13 -10.82 -4.14
N CYS A 87 -0.20 -11.82 -3.27
CA CYS A 87 -0.61 -11.59 -1.91
C CYS A 87 0.54 -11.06 -1.10
N CYS A 88 0.50 -9.76 -0.80
CA CYS A 88 1.57 -9.14 -0.05
C CYS A 88 1.32 -9.27 1.45
N ARG A 89 1.92 -10.30 2.02
CA ARG A 89 1.75 -10.62 3.43
C ARG A 89 2.93 -10.08 4.25
N PRO A 90 2.62 -9.57 5.46
CA PRO A 90 3.61 -8.99 6.37
C PRO A 90 4.89 -9.80 6.49
N GLY A 91 6.00 -9.17 6.13
CA GLY A 91 7.28 -9.83 6.22
C GLY A 91 8.16 -9.53 5.03
N ARG A 92 8.97 -10.51 4.68
CA ARG A 92 9.84 -10.46 3.52
C ARG A 92 10.48 -11.83 3.32
#